data_3VLW
#
_entry.id   3VLW
#
_cell.length_a   79.759
_cell.length_b   67.533
_cell.length_c   90.693
_cell.angle_alpha   90.00
_cell.angle_beta   93.33
_cell.angle_gamma   90.00
#
_symmetry.space_group_name_H-M   'P 1 21 1'
#
loop_
_entity.id
_entity.type
_entity.pdbx_description
1 polymer AlgQ1
2 branched 'beta-D-mannopyranuronic acid-(1-4)-alpha-L-gulopyranuronic acid'
3 non-polymer 'CALCIUM ION'
4 non-polymer GLYCEROL
5 water water
#
_entity_poly.entity_id   1
_entity_poly.type   'polypeptide(L)'
_entity_poly.pdbx_seq_one_letter_code
;REATWVTEKPLTLKIHMHFRDKWVWDENWPVAREVARLTNVKLVGVANRAATNSQEQFNLMMASGQLPDIVGGDNLKDKF
IRYGMEGAFIPLNKLIDQNAPNLKAFFKTHPEVQRAITAPDGNIYYLPYVPDGLVSRGYFIRQDWLDKLHLKTPQTVDEL
YTVLKAFKEKDPNGNGKADEIPFINRDPEEVFRLVNFWGARSTGSNTWMDFYVENGKIKHPFAEVAFKDGIKHVAQWYKE
GLIDPEIFTRKARSREQTFGNNIGGMTHDWFASTALFNDALSKNIPGFKLVPMAPPINSKGQRWEEDARQIPRPDGWAIT
ATNKNPVETIKLFDFYFGPKGRELSNFGVPGLTYDIKNGKPVYKDTVLKAAQPVNNQMYDIGAQIPIGFWQDYEYERQWT
NDVALQGIDMYIKNKYVLPQFTGVNLTVEEREIYDKYWPDVKTYMFEMGQSWVMGTKDPEKTWNDYQQQLKNRGFYQVMI
VMQKAYDRQYGGAAKPAQVGAK
;
_entity_poly.pdbx_strand_id   A,B
#
loop_
_chem_comp.id
_chem_comp.type
_chem_comp.name
_chem_comp.formula
BEM D-saccharide, beta linking 'beta-D-mannopyranuronic acid' 'C6 H10 O7'
CA non-polymer 'CALCIUM ION' 'Ca 2'
GOL non-polymer GLYCEROL 'C3 H8 O3'
LGU L-saccharide, alpha linking 'alpha-L-gulopyranuronic acid' 'C6 H10 O7'
#
# COMPACT_ATOMS: atom_id res chain seq x y z
N GLU A 2 -40.92 -10.01 49.21
CA GLU A 2 -40.25 -8.67 49.22
C GLU A 2 -41.18 -7.57 48.72
N ALA A 3 -40.87 -6.33 49.08
CA ALA A 3 -41.64 -5.16 48.64
C ALA A 3 -41.17 -4.66 47.28
N THR A 4 -39.96 -5.08 46.89
CA THR A 4 -39.39 -4.73 45.58
C THR A 4 -39.87 -5.70 44.49
N TRP A 5 -40.66 -6.70 44.91
CA TRP A 5 -41.20 -7.71 44.00
C TRP A 5 -42.05 -7.12 42.89
N VAL A 6 -41.73 -7.52 41.66
CA VAL A 6 -42.40 -7.06 40.46
C VAL A 6 -43.69 -7.85 40.23
N THR A 7 -43.66 -9.13 40.60
CA THR A 7 -44.78 -10.05 40.40
C THR A 7 -44.93 -11.00 41.59
N GLU A 8 -46.15 -11.39 41.90
CA GLU A 8 -46.41 -12.30 43.02
C GLU A 8 -45.98 -13.74 42.73
N LYS A 9 -46.37 -14.26 41.56
CA LYS A 9 -45.91 -15.58 41.14
C LYS A 9 -44.53 -15.47 40.49
N PRO A 10 -43.58 -16.36 40.89
CA PRO A 10 -42.23 -16.34 40.33
C PRO A 10 -42.24 -16.47 38.81
N LEU A 11 -41.41 -15.67 38.14
CA LEU A 11 -41.41 -15.62 36.69
C LEU A 11 -40.01 -15.82 36.09
N THR A 12 -39.94 -16.65 35.06
CA THR A 12 -38.70 -16.89 34.33
C THR A 12 -38.83 -16.40 32.89
N LEU A 13 -37.90 -15.56 32.48
CA LEU A 13 -37.86 -15.03 31.11
C LEU A 13 -36.55 -15.40 30.43
N LYS A 14 -36.63 -15.58 29.11
CA LYS A 14 -35.45 -15.89 28.31
C LYS A 14 -34.82 -14.59 27.78
N ILE A 15 -33.54 -14.41 28.07
CA ILE A 15 -32.80 -13.26 27.54
C ILE A 15 -31.68 -13.70 26.58
N HIS A 16 -31.68 -13.12 25.38
CA HIS A 16 -30.54 -13.27 24.48
C HIS A 16 -29.66 -12.03 24.63
N MET A 17 -28.52 -12.22 25.28
CA MET A 17 -27.57 -11.13 25.46
C MET A 17 -26.14 -11.59 25.22
N HIS A 18 -25.65 -11.29 24.02
CA HIS A 18 -24.25 -11.51 23.69
C HIS A 18 -23.63 -10.13 23.51
N PHE A 19 -22.58 -9.86 24.27
CA PHE A 19 -21.97 -8.53 24.25
C PHE A 19 -20.45 -8.51 24.25
N ARG A 20 -19.91 -7.49 23.57
CA ARG A 20 -18.46 -7.23 23.48
C ARG A 20 -17.64 -8.40 22.91
N ASP A 21 -18.32 -9.21 22.08
CA ASP A 21 -17.73 -10.39 21.42
C ASP A 21 -17.16 -11.45 22.37
N LYS A 22 -17.45 -11.33 23.66
CA LYS A 22 -16.77 -12.17 24.66
C LYS A 22 -17.67 -12.70 25.79
N TRP A 23 -18.77 -12.01 26.07
CA TRP A 23 -19.62 -12.35 27.22
C TRP A 23 -21.07 -12.66 26.85
N VAL A 24 -21.73 -13.47 27.67
CA VAL A 24 -23.18 -13.67 27.61
C VAL A 24 -23.80 -13.48 28.99
N TRP A 25 -25.12 -13.28 29.03
CA TRP A 25 -25.86 -13.24 30.29
C TRP A 25 -25.71 -14.57 31.01
N ASP A 26 -25.46 -14.51 32.32
CA ASP A 26 -25.37 -15.70 33.16
C ASP A 26 -26.28 -15.56 34.38
N GLU A 27 -27.32 -16.38 34.43
CA GLU A 27 -28.27 -16.36 35.56
C GLU A 27 -27.61 -16.73 36.89
N ASN A 28 -26.43 -17.34 36.82
CA ASN A 28 -25.67 -17.71 38.00
C ASN A 28 -24.79 -16.58 38.54
N TRP A 29 -24.69 -15.48 37.79
CA TRP A 29 -24.05 -14.27 38.27
C TRP A 29 -24.62 -13.87 39.63
N PRO A 30 -23.74 -13.46 40.57
CA PRO A 30 -24.23 -12.94 41.85
C PRO A 30 -25.25 -11.81 41.70
N VAL A 31 -24.98 -10.86 40.80
CA VAL A 31 -25.88 -9.73 40.57
C VAL A 31 -27.23 -10.20 40.01
N ALA A 32 -27.17 -11.09 39.01
CA ALA A 32 -28.38 -11.67 38.42
C ALA A 32 -29.23 -12.39 39.48
N ARG A 33 -28.56 -13.16 40.35
CA ARG A 33 -29.21 -13.87 41.44
C ARG A 33 -29.90 -12.91 42.41
N GLU A 34 -29.19 -11.84 42.79
CA GLU A 34 -29.72 -10.85 43.73
C GLU A 34 -30.90 -10.07 43.14
N VAL A 35 -30.80 -9.68 41.87
CA VAL A 35 -31.90 -9.00 41.19
C VAL A 35 -33.15 -9.90 41.10
N ALA A 36 -32.93 -11.18 40.78
CA ALA A 36 -34.01 -12.16 40.71
C ALA A 36 -34.72 -12.32 42.06
N ARG A 37 -33.94 -12.37 43.15
CA ARG A 37 -34.49 -12.49 44.50
C ARG A 37 -35.36 -11.29 44.85
N LEU A 38 -34.87 -10.10 44.53
CA LEU A 38 -35.56 -8.85 44.88
C LEU A 38 -36.79 -8.56 44.03
N THR A 39 -36.78 -9.00 42.77
CA THR A 39 -37.87 -8.67 41.84
C THR A 39 -38.84 -9.83 41.60
N ASN A 40 -38.41 -11.04 41.94
CA ASN A 40 -39.15 -12.28 41.66
C ASN A 40 -39.21 -12.61 40.16
N VAL A 41 -38.27 -12.03 39.41
CA VAL A 41 -38.12 -12.30 37.98
C VAL A 41 -36.70 -12.81 37.70
N LYS A 42 -36.61 -14.04 37.20
CA LYS A 42 -35.32 -14.63 36.85
C LYS A 42 -35.09 -14.62 35.34
N LEU A 43 -33.94 -14.09 34.92
CA LEU A 43 -33.56 -14.10 33.50
C LEU A 43 -32.62 -15.25 33.21
N VAL A 44 -33.01 -16.10 32.27
CA VAL A 44 -32.18 -17.22 31.82
C VAL A 44 -31.61 -16.91 30.44
N GLY A 45 -30.29 -17.02 30.30
CA GLY A 45 -29.61 -16.73 29.04
C GLY A 45 -29.77 -17.83 28.01
N VAL A 46 -29.97 -17.43 26.76
CA VAL A 46 -30.13 -18.38 25.65
C VAL A 46 -29.07 -18.18 24.55
N ALA A 47 -28.22 -17.16 24.72
CA ALA A 47 -27.18 -16.86 23.75
C ALA A 47 -26.03 -17.87 23.81
N ASN A 48 -25.40 -18.08 22.65
CA ASN A 48 -24.29 -19.02 22.52
C ASN A 48 -23.01 -18.46 23.15
N ARG A 49 -22.61 -19.05 24.29
CA ARG A 49 -21.45 -18.59 25.04
C ARG A 49 -20.11 -18.86 24.35
N ALA A 50 -20.10 -19.86 23.47
CA ALA A 50 -18.89 -20.22 22.73
C ALA A 50 -18.62 -19.28 21.56
N ALA A 51 -19.66 -18.62 21.06
CA ALA A 51 -19.56 -17.69 19.93
C ALA A 51 -18.83 -16.41 20.29
N THR A 52 -18.13 -15.82 19.31
CA THR A 52 -17.29 -14.63 19.55
C THR A 52 -17.61 -13.46 18.61
N ASN A 53 -18.84 -13.43 18.09
CA ASN A 53 -19.30 -12.31 17.28
C ASN A 53 -20.72 -11.92 17.71
N SER A 54 -20.80 -10.89 18.55
CA SER A 54 -22.05 -10.46 19.17
C SER A 54 -23.11 -10.04 18.16
N GLN A 55 -22.69 -9.26 17.16
CA GLN A 55 -23.62 -8.75 16.15
C GLN A 55 -24.19 -9.87 15.30
N GLU A 56 -23.33 -10.81 14.91
CA GLU A 56 -23.73 -11.99 14.15
C GLU A 56 -24.73 -12.85 14.91
N GLN A 57 -24.51 -13.00 16.22
CA GLN A 57 -25.40 -13.79 17.06
C GLN A 57 -26.80 -13.19 17.15
N PHE A 58 -26.87 -11.86 17.22
CA PHE A 58 -28.14 -11.13 17.13
C PHE A 58 -28.80 -11.43 15.80
N ASN A 59 -28.03 -11.31 14.72
CA ASN A 59 -28.53 -11.55 13.37
C ASN A 59 -29.11 -12.95 13.18
N LEU A 60 -28.38 -13.97 13.65
CA LEU A 60 -28.83 -15.36 13.56
C LEU A 60 -30.14 -15.58 14.33
N MET A 61 -30.19 -15.01 15.54
CA MET A 61 -31.39 -15.07 16.38
C MET A 61 -32.60 -14.45 15.68
N MET A 62 -32.39 -13.26 15.12
CA MET A 62 -33.44 -12.53 14.41
C MET A 62 -33.92 -13.28 13.16
N ALA A 63 -32.96 -13.75 12.35
CA ALA A 63 -33.25 -14.49 11.11
C ALA A 63 -34.00 -15.80 11.35
N SER A 64 -33.78 -16.42 12.51
CA SER A 64 -34.41 -17.69 12.87
C SER A 64 -35.91 -17.53 13.18
N GLY A 65 -36.28 -16.33 13.61
CA GLY A 65 -37.68 -16.01 13.89
C GLY A 65 -38.16 -16.47 15.26
N GLN A 66 -37.34 -17.27 15.95
CA GLN A 66 -37.67 -17.71 17.30
C GLN A 66 -37.00 -16.80 18.33
N LEU A 67 -37.75 -15.77 18.74
CA LEU A 67 -37.23 -14.73 19.63
C LEU A 67 -37.36 -15.12 21.10
N PRO A 68 -36.40 -14.68 21.93
CA PRO A 68 -36.54 -14.80 23.38
C PRO A 68 -37.51 -13.74 23.91
N ASP A 69 -37.50 -13.50 25.22
CA ASP A 69 -38.36 -12.49 25.83
C ASP A 69 -37.68 -11.12 25.88
N ILE A 70 -36.37 -11.13 26.07
CA ILE A 70 -35.56 -9.91 26.14
C ILE A 70 -34.30 -10.08 25.29
N VAL A 71 -33.90 -9.03 24.58
CA VAL A 71 -32.64 -9.01 23.86
C VAL A 71 -31.80 -7.85 24.39
N GLY A 72 -30.58 -8.15 24.83
CA GLY A 72 -29.68 -7.12 25.34
C GLY A 72 -28.31 -7.16 24.68
N GLY A 73 -27.55 -6.09 24.87
CA GLY A 73 -26.17 -6.07 24.38
C GLY A 73 -25.69 -4.70 23.93
N ASP A 74 -24.40 -4.63 23.61
CA ASP A 74 -23.79 -3.39 23.15
C ASP A 74 -23.95 -3.20 21.64
N ASN A 75 -23.97 -1.94 21.22
CA ASN A 75 -24.04 -1.55 19.81
C ASN A 75 -25.25 -2.12 19.08
N LEU A 76 -26.40 -2.11 19.76
CA LEU A 76 -27.64 -2.62 19.19
C LEU A 76 -28.71 -1.55 18.96
N LYS A 77 -28.38 -0.30 19.26
CA LYS A 77 -29.33 0.81 19.10
C LYS A 77 -30.03 0.76 17.75
N ASP A 78 -29.23 0.75 16.68
CA ASP A 78 -29.76 0.76 15.32
C ASP A 78 -30.68 -0.43 15.04
N LYS A 79 -30.28 -1.61 15.52
CA LYS A 79 -31.07 -2.83 15.36
C LYS A 79 -32.34 -2.83 16.22
N PHE A 80 -32.25 -2.27 17.42
CA PHE A 80 -33.42 -2.08 18.28
C PHE A 80 -34.48 -1.20 17.60
N ILE A 81 -34.02 -0.11 16.97
CA ILE A 81 -34.91 0.83 16.28
C ILE A 81 -35.51 0.21 15.01
N ARG A 82 -34.67 -0.41 14.19
CA ARG A 82 -35.12 -0.99 12.91
C ARG A 82 -36.13 -2.13 13.11
N TYR A 83 -35.76 -3.11 13.95
CA TYR A 83 -36.64 -4.24 14.23
C TYR A 83 -37.76 -3.90 15.21
N GLY A 84 -37.62 -2.76 15.88
CA GLY A 84 -38.70 -2.22 16.69
C GLY A 84 -39.83 -1.74 15.79
N MET A 85 -39.46 -0.94 14.78
CA MET A 85 -40.44 -0.42 13.82
C MET A 85 -41.06 -1.53 12.96
N GLU A 86 -40.31 -2.61 12.77
CA GLU A 86 -40.81 -3.79 12.05
C GLU A 86 -41.66 -4.70 12.94
N GLY A 87 -41.66 -4.43 14.25
CA GLY A 87 -42.55 -5.10 15.19
C GLY A 87 -41.99 -6.28 15.95
N ALA A 88 -40.68 -6.53 15.82
CA ALA A 88 -40.01 -7.59 16.57
C ALA A 88 -39.80 -7.20 18.04
N PHE A 89 -39.62 -5.90 18.28
CA PHE A 89 -39.60 -5.35 19.63
C PHE A 89 -40.79 -4.42 19.81
N ILE A 90 -41.36 -4.41 21.01
CA ILE A 90 -42.54 -3.59 21.28
C ILE A 90 -42.16 -2.18 21.74
N PRO A 91 -43.01 -1.17 21.40
CA PRO A 91 -42.82 0.16 21.95
C PRO A 91 -43.00 0.16 23.47
N LEU A 92 -42.20 0.96 24.17
CA LEU A 92 -42.20 0.95 25.63
C LEU A 92 -42.88 2.18 26.23
N ASN A 93 -43.30 3.12 25.38
CA ASN A 93 -43.86 4.41 25.81
C ASN A 93 -44.98 4.29 26.84
N LYS A 94 -46.03 3.55 26.50
CA LYS A 94 -47.19 3.37 27.38
C LYS A 94 -46.81 2.56 28.63
N LEU A 95 -46.06 1.49 28.43
CA LEU A 95 -45.60 0.62 29.53
C LEU A 95 -44.81 1.39 30.59
N ILE A 96 -43.93 2.28 30.15
CA ILE A 96 -43.16 3.15 31.05
C ILE A 96 -44.09 4.10 31.80
N ASP A 97 -44.91 4.84 31.06
CA ASP A 97 -45.84 5.81 31.63
C ASP A 97 -46.74 5.23 32.72
N GLN A 98 -47.17 3.98 32.52
CA GLN A 98 -48.14 3.35 33.41
C GLN A 98 -47.53 2.49 34.52
N ASN A 99 -46.28 2.06 34.35
CA ASN A 99 -45.68 1.08 35.28
C ASN A 99 -44.29 1.40 35.82
N ALA A 100 -43.66 2.46 35.31
CA ALA A 100 -42.22 2.66 35.55
C ALA A 100 -41.82 4.05 36.09
N PRO A 101 -42.10 4.30 37.39
CA PRO A 101 -41.85 5.62 38.00
C PRO A 101 -40.38 6.06 37.98
N ASN A 102 -39.45 5.14 38.20
CA ASN A 102 -38.02 5.47 38.20
C ASN A 102 -37.52 5.90 36.83
N LEU A 103 -37.96 5.19 35.79
CA LEU A 103 -37.65 5.55 34.41
C LEU A 103 -38.31 6.88 34.01
N LYS A 104 -39.54 7.08 34.46
CA LYS A 104 -40.27 8.33 34.21
C LYS A 104 -39.55 9.51 34.81
N ALA A 105 -39.09 9.36 36.06
CA ALA A 105 -38.38 10.41 36.76
C ALA A 105 -37.00 10.64 36.16
N PHE A 106 -36.37 9.58 35.67
CA PHE A 106 -35.09 9.71 34.98
C PHE A 106 -35.23 10.50 33.68
N PHE A 107 -36.20 10.11 32.85
CA PHE A 107 -36.44 10.80 31.57
C PHE A 107 -36.86 12.27 31.74
N LYS A 108 -37.63 12.53 32.79
CA LYS A 108 -38.05 13.89 33.12
C LYS A 108 -36.84 14.79 33.38
N THR A 109 -35.87 14.28 34.14
CA THR A 109 -34.67 15.04 34.49
C THR A 109 -33.55 14.90 33.45
N HIS A 110 -33.70 13.95 32.54
CA HIS A 110 -32.73 13.74 31.46
C HIS A 110 -33.43 13.71 30.09
N PRO A 111 -34.00 14.85 29.66
CA PRO A 111 -34.73 14.83 28.38
C PRO A 111 -33.86 14.42 27.19
N GLU A 112 -32.59 14.83 27.19
CA GLU A 112 -31.64 14.50 26.11
C GLU A 112 -31.46 13.00 25.89
N VAL A 113 -31.49 12.21 26.96
CA VAL A 113 -31.37 10.76 26.88
CA VAL A 113 -31.38 10.76 26.89
C VAL A 113 -32.62 10.16 26.22
N GLN A 114 -33.80 10.63 26.62
CA GLN A 114 -35.06 10.15 26.03
C GLN A 114 -35.08 10.40 24.53
N ARG A 115 -34.66 11.59 24.12
CA ARG A 115 -34.57 11.96 22.70
C ARG A 115 -33.63 11.02 21.93
N ALA A 116 -32.51 10.69 22.55
CA ALA A 116 -31.47 9.86 21.92
C ALA A 116 -31.92 8.41 21.66
N ILE A 117 -32.87 7.93 22.43
CA ILE A 117 -33.35 6.54 22.29
C ILE A 117 -34.71 6.45 21.58
N THR A 118 -35.29 7.60 21.22
CA THR A 118 -36.58 7.64 20.54
C THR A 118 -36.40 7.42 19.04
N ALA A 119 -37.18 6.47 18.50
CA ALA A 119 -37.15 6.16 17.07
C ALA A 119 -37.88 7.23 16.23
N PRO A 120 -37.68 7.22 14.90
CA PRO A 120 -38.36 8.18 14.02
C PRO A 120 -39.89 8.15 14.08
N ASP A 121 -40.47 7.05 14.53
CA ASP A 121 -41.93 6.95 14.68
C ASP A 121 -42.42 7.44 16.05
N GLY A 122 -41.48 7.93 16.87
CA GLY A 122 -41.80 8.47 18.19
C GLY A 122 -41.79 7.43 19.30
N ASN A 123 -41.53 6.18 18.93
CA ASN A 123 -41.52 5.08 19.90
C ASN A 123 -40.14 4.82 20.52
N ILE A 124 -40.16 4.45 21.80
CA ILE A 124 -38.98 4.00 22.51
C ILE A 124 -38.96 2.47 22.48
N TYR A 125 -37.95 1.91 21.82
CA TYR A 125 -37.88 0.46 21.61
C TYR A 125 -36.88 -0.26 22.52
N TYR A 126 -36.14 0.50 23.32
CA TYR A 126 -35.13 -0.06 24.22
C TYR A 126 -34.81 0.89 25.36
N LEU A 127 -34.23 0.36 26.43
CA LEU A 127 -33.68 1.20 27.50
C LEU A 127 -32.16 1.14 27.43
N PRO A 128 -31.50 2.31 27.58
CA PRO A 128 -30.06 2.37 27.31
C PRO A 128 -29.15 2.15 28.51
N TYR A 129 -27.92 1.75 28.20
CA TYR A 129 -26.80 1.86 29.13
C TYR A 129 -26.50 3.35 29.21
N VAL A 130 -26.66 3.93 30.39
CA VAL A 130 -26.43 5.35 30.62
C VAL A 130 -25.15 5.53 31.43
N PRO A 131 -24.03 5.84 30.75
CA PRO A 131 -22.77 6.09 31.43
C PRO A 131 -22.83 7.34 32.30
N ASP A 132 -21.87 7.46 33.22
CA ASP A 132 -21.77 8.61 34.11
C ASP A 132 -20.32 9.08 34.15
N GLY A 133 -20.12 10.35 33.84
CA GLY A 133 -18.78 10.93 33.74
C GLY A 133 -18.67 11.82 32.52
N LEU A 134 -17.55 12.54 32.41
CA LEU A 134 -17.35 13.48 31.32
C LEU A 134 -16.32 12.96 30.31
N VAL A 135 -15.09 12.74 30.78
CA VAL A 135 -14.03 12.25 29.90
C VAL A 135 -14.01 10.73 29.89
N SER A 136 -13.33 10.18 28.88
CA SER A 136 -13.18 8.74 28.76
C SER A 136 -11.71 8.39 28.60
N ARG A 137 -11.19 8.53 27.38
CA ARG A 137 -9.83 8.15 27.07
C ARG A 137 -8.86 9.33 27.02
N GLY A 138 -7.59 9.02 27.23
CA GLY A 138 -6.49 9.95 27.06
C GLY A 138 -5.23 9.21 26.65
N TYR A 139 -4.24 9.96 26.20
CA TYR A 139 -2.95 9.37 25.86
C TYR A 139 -2.14 9.11 27.12
N PHE A 140 -1.50 7.95 27.15
CA PHE A 140 -0.62 7.56 28.24
C PHE A 140 0.72 7.17 27.63
N ILE A 141 1.81 7.62 28.25
CA ILE A 141 3.15 7.32 27.76
C ILE A 141 4.03 6.82 28.92
N ARG A 142 5.03 6.01 28.59
CA ARG A 142 5.97 5.48 29.58
C ARG A 142 6.98 6.56 29.99
N GLN A 143 6.71 7.23 31.11
CA GLN A 143 7.57 8.30 31.63
C GLN A 143 8.96 7.79 31.99
N ASP A 144 9.02 6.56 32.53
CA ASP A 144 10.30 5.95 32.88
C ASP A 144 11.17 5.69 31.66
N TRP A 145 10.53 5.36 30.54
CA TRP A 145 11.24 5.18 29.27
C TRP A 145 11.73 6.52 28.72
N LEU A 146 10.87 7.54 28.80
CA LEU A 146 11.25 8.90 28.41
C LEU A 146 12.50 9.37 29.15
N ASP A 147 12.47 9.24 30.48
CA ASP A 147 13.56 9.68 31.34
C ASP A 147 14.84 8.89 31.11
N LYS A 148 14.70 7.56 31.00
CA LYS A 148 15.85 6.68 30.75
C LYS A 148 16.54 6.99 29.43
N LEU A 149 15.75 7.37 28.43
CA LEU A 149 16.29 7.71 27.10
C LEU A 149 16.61 9.20 26.96
N HIS A 150 16.50 9.94 28.07
CA HIS A 150 16.75 11.39 28.13
C HIS A 150 15.90 12.16 27.12
N LEU A 151 14.61 11.83 27.07
CA LEU A 151 13.68 12.49 26.17
C LEU A 151 12.65 13.28 26.94
N LYS A 152 12.32 14.46 26.43
CA LYS A 152 11.24 15.26 27.00
C LYS A 152 9.92 14.74 26.47
N THR A 153 8.84 14.98 27.21
CA THR A 153 7.50 14.65 26.76
C THR A 153 7.25 15.28 25.39
N PRO A 154 6.88 14.46 24.39
CA PRO A 154 6.63 14.96 23.03
C PRO A 154 5.43 15.91 22.99
N GLN A 155 5.62 17.07 22.37
CA GLN A 155 4.59 18.11 22.33
C GLN A 155 3.91 18.19 20.97
N THR A 156 4.60 17.73 19.94
CA THR A 156 4.10 17.75 18.56
C THR A 156 4.15 16.33 17.99
N VAL A 157 3.55 16.14 16.82
CA VAL A 157 3.59 14.87 16.10
C VAL A 157 5.02 14.47 15.69
N ASP A 158 5.80 15.46 15.26
CA ASP A 158 7.22 15.26 14.91
C ASP A 158 8.04 14.79 16.10
N GLU A 159 7.80 15.40 17.26
CA GLU A 159 8.50 15.02 18.50
C GLU A 159 8.08 13.63 18.95
N LEU A 160 6.79 13.30 18.79
CA LEU A 160 6.28 11.97 19.10
C LEU A 160 6.92 10.90 18.22
N TYR A 161 7.07 11.20 16.93
CA TYR A 161 7.74 10.31 15.99
C TYR A 161 9.15 9.99 16.50
N THR A 162 9.88 11.02 16.93
CA THR A 162 11.22 10.86 17.48
C THR A 162 11.20 9.97 18.74
N VAL A 163 10.25 10.24 19.62
CA VAL A 163 10.10 9.48 20.86
C VAL A 163 9.81 8.00 20.57
N LEU A 164 8.82 7.73 19.71
CA LEU A 164 8.42 6.36 19.40
C LEU A 164 9.52 5.59 18.68
N LYS A 165 10.26 6.28 17.81
CA LYS A 165 11.43 5.71 17.16
C LYS A 165 12.50 5.33 18.18
N ALA A 166 12.71 6.19 19.18
CA ALA A 166 13.66 5.91 20.25
C ALA A 166 13.19 4.74 21.11
N PHE A 167 11.88 4.67 21.36
CA PHE A 167 11.28 3.53 22.05
C PHE A 167 11.56 2.24 21.30
N LYS A 168 11.42 2.28 19.98
CA LYS A 168 11.61 1.10 19.15
C LYS A 168 13.09 0.67 19.02
N GLU A 169 13.98 1.65 18.86
CA GLU A 169 15.36 1.38 18.47
C GLU A 169 16.40 1.44 19.59
N LYS A 170 16.08 2.11 20.68
CA LYS A 170 17.09 2.39 21.71
C LYS A 170 16.98 1.54 22.98
N ASP A 171 16.23 0.44 22.90
CA ASP A 171 16.21 -0.60 23.93
C ASP A 171 15.92 -0.08 25.36
N PRO A 172 14.77 0.61 25.54
CA PRO A 172 14.49 1.15 26.88
C PRO A 172 14.29 0.10 27.99
N ASN A 173 13.82 -1.11 27.66
CA ASN A 173 13.74 -2.15 28.69
C ASN A 173 15.07 -2.85 28.99
N GLY A 174 16.10 -2.50 28.22
CA GLY A 174 17.49 -2.85 28.53
C GLY A 174 17.91 -4.30 28.38
N ASN A 175 17.16 -5.07 27.58
CA ASN A 175 17.47 -6.50 27.42
C ASN A 175 18.25 -6.84 26.15
N GLY A 176 18.65 -5.81 25.40
CA GLY A 176 19.45 -5.97 24.19
C GLY A 176 18.67 -6.37 22.96
N LYS A 177 17.36 -6.56 23.11
CA LYS A 177 16.49 -6.97 22.01
C LYS A 177 15.63 -5.81 21.54
N ALA A 178 15.36 -5.78 20.23
CA ALA A 178 14.40 -4.87 19.65
C ALA A 178 13.00 -5.47 19.80
N ASP A 179 12.54 -5.56 21.04
CA ASP A 179 11.25 -6.17 21.37
C ASP A 179 10.18 -5.14 21.73
N GLU A 180 10.61 -3.89 21.93
CA GLU A 180 9.70 -2.81 22.30
C GLU A 180 8.67 -2.54 21.21
N ILE A 181 7.42 -2.37 21.63
CA ILE A 181 6.35 -1.94 20.75
C ILE A 181 5.90 -0.56 21.23
N PRO A 182 6.23 0.51 20.45
CA PRO A 182 5.98 1.88 20.90
C PRO A 182 4.51 2.21 21.22
N PHE A 183 3.60 1.97 20.28
CA PHE A 183 2.18 2.23 20.51
C PHE A 183 1.35 0.95 20.50
N ILE A 184 0.60 0.73 21.58
CA ILE A 184 -0.26 -0.44 21.71
C ILE A 184 -1.69 0.00 22.01
N ASN A 185 -2.66 -0.89 21.79
CA ASN A 185 -4.04 -0.61 22.16
C ASN A 185 -4.95 -1.83 22.23
N ARG A 186 -5.77 -1.86 23.29
CA ARG A 186 -6.86 -2.83 23.49
C ARG A 186 -7.84 -2.84 22.32
N ASP A 187 -8.07 -1.66 21.76
CA ASP A 187 -9.09 -1.47 20.74
C ASP A 187 -8.44 -1.24 19.39
N PRO A 188 -8.66 -2.17 18.44
CA PRO A 188 -8.17 -2.05 17.06
C PRO A 188 -8.55 -0.71 16.43
N GLU A 189 -9.78 -0.25 16.69
CA GLU A 189 -10.30 0.99 16.14
C GLU A 189 -9.47 2.22 16.50
N GLU A 190 -8.71 2.12 17.59
CA GLU A 190 -7.83 3.20 18.02
C GLU A 190 -6.70 3.48 17.03
N VAL A 191 -6.33 2.48 16.24
CA VAL A 191 -5.32 2.70 15.20
C VAL A 191 -5.80 3.74 14.20
N PHE A 192 -7.10 3.71 13.88
CA PHE A 192 -7.68 4.70 12.99
C PHE A 192 -7.66 6.09 13.62
N ARG A 193 -7.83 6.14 14.95
CA ARG A 193 -7.84 7.43 15.65
C ARG A 193 -6.51 8.16 15.55
N LEU A 194 -5.44 7.42 15.27
CA LEU A 194 -4.12 8.02 15.03
C LEU A 194 -4.08 9.05 13.89
N VAL A 195 -5.08 9.01 13.00
CA VAL A 195 -5.18 10.04 11.93
C VAL A 195 -5.40 11.44 12.51
N ASN A 196 -5.85 11.50 13.77
CA ASN A 196 -5.96 12.75 14.52
C ASN A 196 -4.65 13.54 14.51
N PHE A 197 -3.53 12.81 14.55
CA PHE A 197 -2.20 13.43 14.52
C PHE A 197 -1.98 14.23 13.24
N TRP A 198 -2.63 13.82 12.16
CA TRP A 198 -2.53 14.54 10.90
C TRP A 198 -3.81 15.30 10.53
N GLY A 199 -4.52 15.72 11.57
CA GLY A 199 -5.66 16.65 11.44
C GLY A 199 -6.90 16.05 10.79
N ALA A 200 -7.04 14.73 10.92
CA ALA A 200 -8.20 14.03 10.40
C ALA A 200 -8.98 13.37 11.53
N ARG A 201 -10.30 13.39 11.43
CA ARG A 201 -11.16 12.70 12.38
C ARG A 201 -11.19 11.20 12.11
N SER A 202 -11.48 10.42 13.15
CA SER A 202 -11.76 8.98 12.98
C SER A 202 -13.20 8.65 13.38
N THR A 203 -13.77 9.46 14.28
CA THR A 203 -15.17 9.29 14.72
C THR A 203 -15.70 10.56 15.39
N GLY A 204 -17.01 10.76 15.31
CA GLY A 204 -17.66 11.92 15.93
C GLY A 204 -18.01 11.73 17.40
N SER A 205 -17.94 10.48 17.88
CA SER A 205 -18.32 10.16 19.26
C SER A 205 -17.64 8.90 19.79
N ASN A 206 -18.07 8.47 20.99
CA ASN A 206 -17.60 7.23 21.60
C ASN A 206 -18.04 5.98 20.83
N THR A 207 -19.06 6.13 19.99
CA THR A 207 -19.45 5.09 19.04
C THR A 207 -18.44 5.07 17.90
N TRP A 208 -17.85 3.90 17.64
CA TRP A 208 -16.83 3.77 16.61
C TRP A 208 -17.38 4.20 15.24
N MET A 209 -16.56 4.93 14.48
CA MET A 209 -16.88 5.32 13.09
C MET A 209 -18.19 6.12 12.97
N ASP A 210 -18.40 7.04 13.92
CA ASP A 210 -19.57 7.88 13.91
C ASP A 210 -19.32 9.11 13.06
N PHE A 211 -20.40 9.68 12.53
CA PHE A 211 -20.35 10.94 11.79
C PHE A 211 -19.93 12.09 12.71
N TYR A 212 -19.54 13.21 12.12
CA TYR A 212 -19.30 14.43 12.89
C TYR A 212 -19.84 15.63 12.12
N VAL A 213 -19.97 16.77 12.82
CA VAL A 213 -20.41 18.02 12.19
C VAL A 213 -19.25 19.02 12.15
N GLU A 214 -19.05 19.62 10.98
CA GLU A 214 -18.07 20.67 10.82
C GLU A 214 -18.67 21.79 9.96
N ASN A 215 -18.74 22.98 10.55
CA ASN A 215 -19.29 24.19 9.89
C ASN A 215 -20.63 23.94 9.19
N GLY A 216 -21.58 23.39 9.95
CA GLY A 216 -22.92 23.11 9.44
C GLY A 216 -23.04 21.95 8.47
N LYS A 217 -21.94 21.21 8.28
CA LYS A 217 -21.94 20.09 7.33
C LYS A 217 -21.69 18.76 8.04
N ILE A 218 -22.56 17.79 7.77
CA ILE A 218 -22.36 16.43 8.25
C ILE A 218 -21.27 15.78 7.41
N LYS A 219 -20.31 15.16 8.09
CA LYS A 219 -19.21 14.47 7.44
C LYS A 219 -19.02 13.09 8.04
N HIS A 220 -18.48 12.17 7.25
CA HIS A 220 -17.97 10.93 7.83
C HIS A 220 -16.46 10.87 7.68
N PRO A 221 -15.76 10.59 8.81
CA PRO A 221 -14.30 10.57 8.88
C PRO A 221 -13.65 9.74 7.77
N PHE A 222 -14.19 8.56 7.49
CA PHE A 222 -13.57 7.64 6.53
C PHE A 222 -13.73 8.06 5.07
N ALA A 223 -14.61 9.03 4.82
CA ALA A 223 -14.87 9.52 3.46
C ALA A 223 -14.11 10.81 3.13
N GLU A 224 -13.47 11.39 4.14
CA GLU A 224 -12.78 12.67 3.98
C GLU A 224 -11.37 12.50 3.43
N VAL A 225 -10.97 13.41 2.55
CA VAL A 225 -9.62 13.39 1.98
C VAL A 225 -8.53 13.52 3.05
N ALA A 226 -8.84 14.22 4.14
CA ALA A 226 -7.91 14.29 5.29
C ALA A 226 -7.59 12.91 5.84
N PHE A 227 -8.57 12.01 5.80
CA PHE A 227 -8.37 10.62 6.24
C PHE A 227 -7.41 9.88 5.33
N LYS A 228 -7.55 10.10 4.03
CA LYS A 228 -6.64 9.50 3.03
C LYS A 228 -5.19 9.86 3.34
N ASP A 229 -4.93 11.14 3.57
CA ASP A 229 -3.59 11.64 3.87
C ASP A 229 -3.11 11.18 5.24
N GLY A 230 -4.01 11.17 6.21
CA GLY A 230 -3.71 10.75 7.58
C GLY A 230 -3.39 9.28 7.69
N ILE A 231 -4.20 8.44 7.02
CA ILE A 231 -4.00 6.99 7.05
C ILE A 231 -2.72 6.56 6.33
N LYS A 232 -2.27 7.38 5.37
CA LYS A 232 -0.97 7.17 4.71
CA LYS A 232 -0.97 7.16 4.71
C LYS A 232 0.16 7.22 5.73
N HIS A 233 0.08 8.18 6.65
CA HIS A 233 1.06 8.33 7.72
C HIS A 233 0.99 7.19 8.73
N VAL A 234 -0.23 6.77 9.06
CA VAL A 234 -0.45 5.65 9.98
C VAL A 234 0.14 4.36 9.39
N ALA A 235 -0.09 4.15 8.10
CA ALA A 235 0.50 3.03 7.36
C ALA A 235 2.02 3.03 7.43
N GLN A 236 2.62 4.21 7.28
CA GLN A 236 4.06 4.36 7.38
C GLN A 236 4.57 4.00 8.79
N TRP A 237 3.89 4.48 9.82
CA TRP A 237 4.26 4.16 11.20
C TRP A 237 4.08 2.66 11.48
N TYR A 238 3.03 2.06 10.91
CA TYR A 238 2.81 0.62 11.00
C TYR A 238 3.95 -0.14 10.30
N LYS A 239 4.32 0.33 9.11
CA LYS A 239 5.42 -0.28 8.34
C LYS A 239 6.74 -0.18 9.12
N GLU A 240 6.93 0.93 9.82
CA GLU A 240 8.14 1.16 10.61
C GLU A 240 8.12 0.45 11.96
N GLY A 241 6.98 -0.18 12.29
CA GLY A 241 6.85 -0.94 13.54
C GLY A 241 6.66 -0.08 14.77
N LEU A 242 6.24 1.17 14.56
CA LEU A 242 5.93 2.09 15.66
C LEU A 242 4.56 1.77 16.25
N ILE A 243 3.68 1.25 15.40
CA ILE A 243 2.37 0.77 15.82
C ILE A 243 2.46 -0.76 15.93
N ASP A 244 1.89 -1.29 17.02
CA ASP A 244 1.78 -2.74 17.22
C ASP A 244 1.42 -3.48 15.92
N PRO A 245 2.28 -4.40 15.45
CA PRO A 245 1.92 -5.21 14.28
C PRO A 245 0.60 -5.96 14.48
N GLU A 246 0.27 -6.25 15.74
CA GLU A 246 -0.91 -7.03 16.09
C GLU A 246 -2.11 -6.18 16.55
N ILE A 247 -2.11 -4.90 16.19
CA ILE A 247 -3.13 -3.96 16.69
C ILE A 247 -4.56 -4.38 16.32
N PHE A 248 -4.70 -5.06 15.19
CA PHE A 248 -6.02 -5.56 14.78
C PHE A 248 -6.41 -6.88 15.43
N THR A 249 -5.43 -7.57 16.02
CA THR A 249 -5.65 -8.94 16.51
C THR A 249 -5.52 -9.12 18.02
N ARG A 250 -4.61 -8.38 18.64
CA ARG A 250 -4.22 -8.57 20.04
C ARG A 250 -5.40 -8.34 21.00
N LYS A 251 -6.05 -7.19 20.87
CA LYS A 251 -7.34 -6.89 21.54
C LYS A 251 -7.32 -6.82 23.07
N ALA A 252 -8.29 -7.47 23.71
CA ALA A 252 -8.62 -7.28 25.13
C ALA A 252 -7.46 -7.15 26.12
N ARG A 253 -6.53 -8.10 26.08
CA ARG A 253 -5.43 -8.17 27.06
CA ARG A 253 -5.43 -8.16 27.06
C ARG A 253 -4.15 -7.51 26.56
N SER A 254 -4.27 -6.57 25.64
CA SER A 254 -3.12 -5.85 25.07
C SER A 254 -2.23 -5.19 26.13
N ARG A 255 -2.86 -4.54 27.11
CA ARG A 255 -2.12 -3.84 28.16
C ARG A 255 -1.37 -4.80 29.08
N GLU A 256 -2.05 -5.86 29.51
CA GLU A 256 -1.43 -6.90 30.33
C GLU A 256 -0.26 -7.56 29.62
N GLN A 257 -0.43 -7.84 28.33
CA GLN A 257 0.63 -8.45 27.52
C GLN A 257 1.83 -7.53 27.33
N THR A 258 1.58 -6.29 26.92
CA THR A 258 2.66 -5.40 26.51
C THR A 258 3.27 -4.63 27.68
N PHE A 259 2.46 -3.88 28.43
CA PHE A 259 2.95 -3.19 29.61
C PHE A 259 3.42 -4.18 30.67
N GLY A 260 2.65 -5.27 30.84
CA GLY A 260 2.96 -6.30 31.82
C GLY A 260 4.27 -7.03 31.60
N ASN A 261 4.73 -7.04 30.36
CA ASN A 261 6.03 -7.63 30.00
C ASN A 261 7.07 -6.60 29.55
N ASN A 262 6.83 -5.34 29.93
CA ASN A 262 7.77 -4.24 29.70
C ASN A 262 8.19 -4.04 28.23
N ILE A 263 7.22 -4.14 27.33
CA ILE A 263 7.48 -3.92 25.89
C ILE A 263 6.58 -2.85 25.26
N GLY A 264 5.56 -2.41 25.97
CA GLY A 264 4.67 -1.36 25.48
C GLY A 264 5.08 0.03 25.96
N GLY A 265 5.08 1.00 25.04
CA GLY A 265 5.54 2.35 25.34
C GLY A 265 4.48 3.42 25.50
N MET A 266 3.31 3.21 24.89
CA MET A 266 2.29 4.25 24.79
C MET A 266 0.95 3.65 24.40
N THR A 267 -0.13 4.23 24.91
CA THR A 267 -1.48 3.85 24.48
C THR A 267 -2.46 5.02 24.50
N HIS A 268 -3.68 4.76 24.05
CA HIS A 268 -4.78 5.71 24.17
C HIS A 268 -5.99 4.95 24.71
N ASP A 269 -6.29 5.18 25.98
CA ASP A 269 -7.24 4.34 26.70
C ASP A 269 -7.85 5.09 27.89
N TRP A 270 -8.85 4.48 28.52
CA TRP A 270 -9.58 5.09 29.63
C TRP A 270 -8.66 5.37 30.80
N PHE A 271 -8.85 6.53 31.44
CA PHE A 271 -7.95 6.99 32.51
C PHE A 271 -7.80 6.05 33.69
N ALA A 272 -8.92 5.60 34.26
CA ALA A 272 -8.89 4.81 35.50
C ALA A 272 -8.17 3.45 35.37
N SER A 273 -8.60 2.61 34.42
CA SER A 273 -8.00 1.28 34.30
C SER A 273 -6.55 1.34 33.78
N THR A 274 -6.27 2.28 32.89
CA THR A 274 -4.91 2.41 32.33
C THR A 274 -3.89 2.84 33.41
N ALA A 275 -4.27 3.82 34.23
CA ALA A 275 -3.39 4.31 35.29
C ALA A 275 -3.19 3.27 36.41
N LEU A 276 -4.17 2.40 36.57
CA LEU A 276 -4.11 1.30 37.54
C LEU A 276 -2.88 0.41 37.30
N PHE A 277 -2.39 0.37 36.06
CA PHE A 277 -1.22 -0.44 35.72
C PHE A 277 0.05 -0.05 36.48
N ASN A 278 0.14 1.23 36.86
CA ASN A 278 1.21 1.71 37.75
C ASN A 278 1.23 0.98 39.09
N ASP A 279 0.04 0.79 39.67
CA ASP A 279 -0.10 0.08 40.95
C ASP A 279 0.17 -1.41 40.78
N ALA A 280 -0.36 -1.99 39.70
CA ALA A 280 -0.25 -3.42 39.44
C ALA A 280 1.17 -3.89 39.12
N LEU A 281 1.97 -3.03 38.48
CA LEU A 281 3.27 -3.43 37.94
C LEU A 281 4.48 -2.82 38.67
N SER A 282 4.21 -2.06 39.75
CA SER A 282 5.26 -1.37 40.49
C SER A 282 6.33 -2.30 41.07
N LYS A 283 5.91 -3.48 41.51
CA LYS A 283 6.81 -4.49 42.05
C LYS A 283 7.53 -5.26 40.94
N ASN A 284 6.77 -5.71 39.94
CA ASN A 284 7.30 -6.51 38.84
C ASN A 284 8.30 -5.75 37.96
N ILE A 285 7.97 -4.50 37.66
CA ILE A 285 8.82 -3.64 36.84
C ILE A 285 9.16 -2.38 37.63
N PRO A 286 10.27 -2.42 38.38
CA PRO A 286 10.68 -1.25 39.17
C PRO A 286 10.82 0.00 38.31
N GLY A 287 10.17 1.07 38.72
CA GLY A 287 10.23 2.34 38.01
C GLY A 287 9.16 2.56 36.98
N PHE A 288 8.37 1.51 36.70
CA PHE A 288 7.25 1.59 35.74
C PHE A 288 6.37 2.79 36.05
N LYS A 289 6.20 3.64 35.03
CA LYS A 289 5.45 4.87 35.19
C LYS A 289 4.75 5.24 33.89
N LEU A 290 3.48 4.85 33.81
CA LEU A 290 2.64 5.13 32.66
C LEU A 290 1.75 6.31 33.01
N VAL A 291 2.07 7.47 32.41
CA VAL A 291 1.44 8.73 32.82
C VAL A 291 0.62 9.34 31.70
N PRO A 292 -0.44 10.09 32.06
CA PRO A 292 -1.21 10.78 31.05
C PRO A 292 -0.37 11.83 30.36
N MET A 293 -0.62 12.01 29.08
CA MET A 293 0.10 12.92 28.23
C MET A 293 -0.94 13.77 27.51
N ALA A 294 -0.71 15.08 27.44
CA ALA A 294 -1.56 15.93 26.61
C ALA A 294 -1.46 15.44 25.16
N PRO A 295 -2.57 15.52 24.39
CA PRO A 295 -2.45 15.10 22.99
C PRO A 295 -1.42 15.99 22.30
N PRO A 296 -0.63 15.41 21.37
CA PRO A 296 0.35 16.23 20.67
C PRO A 296 -0.33 17.24 19.76
N ILE A 297 0.32 18.37 19.54
CA ILE A 297 -0.14 19.34 18.55
C ILE A 297 -0.13 18.66 17.18
N ASN A 298 -1.29 18.58 16.56
CA ASN A 298 -1.42 17.90 15.26
C ASN A 298 -1.11 18.82 14.07
N SER A 299 -1.18 18.26 12.86
CA SER A 299 -0.83 19.01 11.66
C SER A 299 -1.79 20.18 11.38
N LYS A 300 -2.96 20.16 12.02
CA LYS A 300 -3.86 21.31 11.98
C LYS A 300 -3.63 22.31 13.13
N GLY A 301 -2.54 22.10 13.88
CA GLY A 301 -2.13 23.04 14.92
C GLY A 301 -2.92 22.96 16.22
N GLN A 302 -3.62 21.84 16.42
CA GLN A 302 -4.44 21.67 17.62
C GLN A 302 -4.13 20.37 18.37
N ARG A 303 -4.49 20.35 19.66
CA ARG A 303 -4.35 19.17 20.50
C ARG A 303 -5.73 18.54 20.66
N TRP A 304 -5.97 17.43 19.97
CA TRP A 304 -7.28 16.79 19.98
C TRP A 304 -7.38 15.59 20.90
N GLU A 305 -8.38 15.62 21.79
CA GLU A 305 -8.88 14.39 22.37
C GLU A 305 -10.26 14.16 21.76
N GLU A 306 -10.33 13.23 20.82
CA GLU A 306 -11.53 13.00 20.03
C GLU A 306 -12.63 12.30 20.81
N ASP A 307 -12.25 11.50 21.81
CA ASP A 307 -13.19 10.65 22.53
C ASP A 307 -13.70 11.31 23.81
N ALA A 308 -14.94 11.01 24.16
CA ALA A 308 -15.54 11.39 25.44
C ALA A 308 -16.63 10.38 25.78
N ARG A 309 -17.08 10.40 27.02
CA ARG A 309 -18.17 9.52 27.45
C ARG A 309 -19.44 9.88 26.66
N GLN A 310 -20.18 8.86 26.24
CA GLN A 310 -21.38 9.06 25.45
C GLN A 310 -22.63 8.73 26.27
N ILE A 311 -23.45 9.75 26.51
CA ILE A 311 -24.62 9.58 27.37
C ILE A 311 -25.89 9.87 26.55
N PRO A 312 -26.68 8.82 26.24
CA PRO A 312 -26.46 7.40 26.53
C PRO A 312 -25.64 6.70 25.45
N ARG A 313 -25.22 5.46 25.73
CA ARG A 313 -24.57 4.59 24.75
C ARG A 313 -25.61 3.94 23.85
N PRO A 314 -25.21 3.55 22.62
CA PRO A 314 -26.10 2.77 21.76
C PRO A 314 -26.19 1.31 22.22
N ASP A 315 -26.25 1.12 23.54
CA ASP A 315 -26.27 -0.20 24.18
C ASP A 315 -27.51 -0.28 25.05
N GLY A 316 -27.98 -1.49 25.31
CA GLY A 316 -29.11 -1.69 26.23
C GLY A 316 -29.91 -2.94 25.95
N TRP A 317 -31.18 -2.92 26.35
CA TRP A 317 -32.05 -4.07 26.11
C TRP A 317 -33.49 -3.69 25.76
N ALA A 318 -34.18 -4.64 25.12
CA ALA A 318 -35.49 -4.42 24.55
C ALA A 318 -36.43 -5.58 24.86
N ILE A 319 -37.73 -5.31 24.82
CA ILE A 319 -38.75 -6.32 25.04
C ILE A 319 -39.32 -6.80 23.71
N THR A 320 -39.29 -8.10 23.48
CA THR A 320 -39.74 -8.69 22.22
C THR A 320 -41.28 -8.75 22.16
N ALA A 321 -41.80 -8.93 20.95
CA ALA A 321 -43.23 -9.06 20.72
C ALA A 321 -43.75 -10.43 21.20
N THR A 322 -42.85 -11.37 21.42
CA THR A 322 -43.20 -12.72 21.89
C THR A 322 -43.33 -12.78 23.41
N ASN A 323 -42.77 -11.78 24.09
CA ASN A 323 -42.83 -11.67 25.55
C ASN A 323 -44.28 -11.56 26.06
N LYS A 324 -44.73 -12.59 26.77
CA LYS A 324 -46.10 -12.64 27.29
C LYS A 324 -46.27 -11.92 28.63
N ASN A 325 -45.19 -11.34 29.13
CA ASN A 325 -45.23 -10.59 30.39
C ASN A 325 -44.55 -9.21 30.28
N PRO A 326 -45.02 -8.34 29.36
CA PRO A 326 -44.36 -7.06 29.15
C PRO A 326 -44.46 -6.11 30.34
N VAL A 327 -45.57 -6.17 31.07
CA VAL A 327 -45.79 -5.35 32.25
C VAL A 327 -44.77 -5.70 33.35
N GLU A 328 -44.63 -7.00 33.61
CA GLU A 328 -43.65 -7.49 34.58
C GLU A 328 -42.22 -7.16 34.15
N THR A 329 -41.99 -7.19 32.84
CA THR A 329 -40.66 -6.94 32.27
C THR A 329 -40.23 -5.47 32.42
N ILE A 330 -41.14 -4.54 32.09
CA ILE A 330 -40.86 -3.12 32.23
C ILE A 330 -40.65 -2.72 33.70
N LYS A 331 -41.33 -3.40 34.61
CA LYS A 331 -41.14 -3.18 36.05
C LYS A 331 -39.77 -3.68 36.50
N LEU A 332 -39.33 -4.81 35.93
CA LEU A 332 -37.97 -5.30 36.14
C LEU A 332 -36.97 -4.27 35.61
N PHE A 333 -37.19 -3.81 34.39
CA PHE A 333 -36.36 -2.78 33.77
C PHE A 333 -36.29 -1.53 34.66
N ASP A 334 -37.45 -1.17 35.22
CA ASP A 334 -37.57 0.01 36.08
C ASP A 334 -36.80 -0.14 37.38
N PHE A 335 -36.74 -1.37 37.90
CA PHE A 335 -36.01 -1.69 39.12
C PHE A 335 -34.56 -1.21 39.05
N TYR A 336 -33.95 -1.33 37.86
CA TYR A 336 -32.54 -0.96 37.68
C TYR A 336 -32.27 0.53 37.83
N PHE A 337 -33.30 1.35 37.65
CA PHE A 337 -33.17 2.80 37.78
C PHE A 337 -33.57 3.33 39.16
N GLY A 338 -34.05 2.43 40.02
CA GLY A 338 -34.30 2.73 41.43
C GLY A 338 -33.03 2.59 42.25
N PRO A 339 -33.08 2.93 43.55
CA PRO A 339 -31.88 2.97 44.41
C PRO A 339 -31.16 1.62 44.56
N LYS A 340 -31.90 0.55 44.83
CA LYS A 340 -31.31 -0.77 45.03
C LYS A 340 -30.76 -1.33 43.72
N GLY A 341 -31.57 -1.23 42.66
CA GLY A 341 -31.17 -1.69 41.34
C GLY A 341 -29.93 -1.01 40.82
N ARG A 342 -29.85 0.31 40.98
CA ARG A 342 -28.69 1.07 40.52
C ARG A 342 -27.43 0.72 41.31
N GLU A 343 -27.61 0.47 42.60
CA GLU A 343 -26.52 0.05 43.47
C GLU A 343 -25.92 -1.28 43.02
N LEU A 344 -26.78 -2.26 42.78
CA LEU A 344 -26.34 -3.60 42.37
C LEU A 344 -25.70 -3.64 41.00
N SER A 345 -26.35 -3.01 40.02
CA SER A 345 -25.87 -3.00 38.64
C SER A 345 -24.53 -2.25 38.48
N ASN A 346 -24.17 -1.47 39.49
CA ASN A 346 -22.90 -0.75 39.50
C ASN A 346 -21.82 -1.40 40.36
N PHE A 347 -22.18 -1.75 41.59
CA PHE A 347 -21.21 -2.18 42.60
C PHE A 347 -21.12 -3.67 42.81
N GLY A 348 -22.12 -4.42 42.34
CA GLY A 348 -22.17 -5.86 42.54
C GLY A 348 -23.12 -6.29 43.64
N VAL A 349 -22.62 -7.04 44.62
CA VAL A 349 -23.48 -7.60 45.68
C VAL A 349 -22.93 -7.22 47.06
N PRO A 350 -23.80 -6.69 47.94
CA PRO A 350 -23.36 -6.33 49.29
C PRO A 350 -22.93 -7.56 50.07
N GLY A 351 -21.80 -7.44 50.75
CA GLY A 351 -21.22 -8.56 51.49
C GLY A 351 -20.25 -9.38 50.66
N LEU A 352 -20.34 -9.24 49.34
CA LEU A 352 -19.44 -9.95 48.44
C LEU A 352 -18.36 -9.01 47.93
N THR A 353 -18.79 -7.87 47.37
CA THR A 353 -17.89 -7.01 46.65
C THR A 353 -17.86 -5.59 47.24
N TYR A 354 -18.92 -5.23 47.97
CA TYR A 354 -18.98 -3.93 48.66
C TYR A 354 -19.81 -4.03 49.96
N ASP A 355 -19.73 -2.96 50.76
CA ASP A 355 -20.59 -2.79 51.93
C ASP A 355 -21.06 -1.34 51.98
N ILE A 356 -22.25 -1.12 52.52
CA ILE A 356 -22.70 0.22 52.85
C ILE A 356 -21.91 0.69 54.06
N LYS A 357 -21.10 1.72 53.87
CA LYS A 357 -20.27 2.30 54.94
C LYS A 357 -20.48 3.81 54.94
N ASN A 358 -20.84 4.35 56.11
CA ASN A 358 -21.18 5.77 56.26
C ASN A 358 -22.25 6.21 55.26
N GLY A 359 -23.25 5.34 55.05
CA GLY A 359 -24.37 5.62 54.15
C GLY A 359 -24.06 5.64 52.67
N LYS A 360 -22.93 5.04 52.28
CA LYS A 360 -22.57 4.93 50.86
C LYS A 360 -21.99 3.56 50.52
N PRO A 361 -22.26 3.09 49.29
CA PRO A 361 -21.62 1.84 48.84
C PRO A 361 -20.11 2.02 48.71
N VAL A 362 -19.36 1.16 49.39
CA VAL A 362 -17.91 1.24 49.45
C VAL A 362 -17.33 -0.12 49.11
N TYR A 363 -16.53 -0.18 48.06
CA TYR A 363 -15.88 -1.43 47.65
C TYR A 363 -14.97 -1.97 48.74
N LYS A 364 -14.96 -3.30 48.88
CA LYS A 364 -14.05 -3.98 49.80
C LYS A 364 -12.60 -3.81 49.37
N ASP A 365 -11.69 -3.88 50.34
CA ASP A 365 -10.25 -3.80 50.08
C ASP A 365 -9.78 -4.88 49.11
N THR A 366 -10.39 -6.07 49.20
CA THR A 366 -10.07 -7.19 48.33
C THR A 366 -10.37 -6.90 46.86
N VAL A 367 -11.29 -5.97 46.62
CA VAL A 367 -11.64 -5.51 45.28
C VAL A 367 -10.69 -4.40 44.84
N LEU A 368 -10.49 -3.41 45.70
CA LEU A 368 -9.68 -2.23 45.39
C LEU A 368 -8.18 -2.52 45.27
N LYS A 369 -7.70 -3.52 45.99
CA LYS A 369 -6.28 -3.86 45.99
C LYS A 369 -5.92 -5.05 45.11
N ALA A 370 -6.90 -5.55 44.36
CA ALA A 370 -6.74 -6.74 43.51
C ALA A 370 -5.80 -6.56 42.31
N ALA A 371 -5.42 -5.32 42.02
CA ALA A 371 -4.55 -4.98 40.87
C ALA A 371 -5.15 -5.39 39.51
N GLN A 372 -6.43 -5.74 39.52
CA GLN A 372 -7.22 -5.95 38.31
C GLN A 372 -8.30 -4.89 38.26
N PRO A 373 -8.44 -4.18 37.10
CA PRO A 373 -9.41 -3.10 36.94
C PRO A 373 -10.79 -3.51 37.48
N VAL A 374 -11.41 -2.61 38.24
CA VAL A 374 -12.67 -2.93 38.92
C VAL A 374 -13.83 -3.20 37.93
N ASN A 375 -13.84 -2.51 36.79
CA ASN A 375 -14.82 -2.82 35.75
C ASN A 375 -14.74 -4.28 35.26
N ASN A 376 -13.52 -4.77 35.04
CA ASN A 376 -13.31 -6.19 34.72
C ASN A 376 -13.91 -7.10 35.81
N GLN A 377 -13.61 -6.79 37.07
CA GLN A 377 -14.14 -7.53 38.22
C GLN A 377 -15.67 -7.53 38.25
N MET A 378 -16.27 -6.39 37.90
CA MET A 378 -17.72 -6.26 37.86
C MET A 378 -18.36 -7.13 36.77
N TYR A 379 -17.76 -7.15 35.58
CA TYR A 379 -18.25 -8.01 34.49
C TYR A 379 -18.40 -9.46 34.97
N ASP A 380 -17.39 -9.94 35.68
CA ASP A 380 -17.33 -11.32 36.18
C ASP A 380 -18.53 -11.73 37.01
N ILE A 381 -19.15 -10.76 37.70
CA ILE A 381 -20.28 -11.04 38.57
C ILE A 381 -21.60 -10.43 38.09
N GLY A 382 -21.58 -9.85 36.89
CA GLY A 382 -22.81 -9.34 36.26
C GLY A 382 -23.13 -7.87 36.47
N ALA A 383 -22.14 -7.10 36.89
CA ALA A 383 -22.30 -5.65 37.02
C ALA A 383 -21.51 -4.94 35.92
N GLN A 384 -21.83 -3.66 35.70
CA GLN A 384 -21.24 -2.85 34.62
C GLN A 384 -21.41 -3.51 33.25
N ILE A 385 -22.52 -4.21 33.06
CA ILE A 385 -22.85 -4.85 31.80
C ILE A 385 -23.83 -3.99 31.01
N PRO A 386 -23.73 -4.01 29.65
CA PRO A 386 -24.52 -3.12 28.80
C PRO A 386 -26.00 -3.48 28.67
N ILE A 387 -26.67 -3.68 29.82
CA ILE A 387 -28.12 -3.72 29.89
C ILE A 387 -28.64 -2.29 29.95
N GLY A 388 -29.95 -2.12 30.13
CA GLY A 388 -30.51 -0.83 30.46
C GLY A 388 -30.27 -0.54 31.93
N PHE A 389 -29.25 0.27 32.21
CA PHE A 389 -28.92 0.65 33.58
C PHE A 389 -28.26 2.02 33.65
N TRP A 390 -28.22 2.58 34.85
CA TRP A 390 -27.70 3.93 35.06
C TRP A 390 -26.38 3.87 35.83
N GLN A 391 -25.28 4.00 35.10
CA GLN A 391 -23.95 4.01 35.71
C GLN A 391 -23.87 5.11 36.76
N ASP A 392 -23.14 4.82 37.83
CA ASP A 392 -22.91 5.78 38.89
C ASP A 392 -21.41 5.98 38.99
N TYR A 393 -20.95 7.19 38.67
CA TYR A 393 -19.51 7.48 38.64
C TYR A 393 -18.80 7.21 39.97
N GLU A 394 -19.55 7.23 41.07
CA GLU A 394 -19.01 6.90 42.39
C GLU A 394 -18.29 5.55 42.37
N TYR A 395 -18.83 4.58 41.62
CA TYR A 395 -18.20 3.27 41.47
C TYR A 395 -16.77 3.42 40.90
N GLU A 396 -16.62 4.33 39.95
CA GLU A 396 -15.37 4.53 39.23
C GLU A 396 -14.40 5.38 40.03
N ARG A 397 -14.94 6.38 40.73
CA ARG A 397 -14.14 7.27 41.57
C ARG A 397 -13.31 6.48 42.59
N GLN A 398 -13.88 5.40 43.11
CA GLN A 398 -13.23 4.60 44.16
C GLN A 398 -11.97 3.86 43.69
N TRP A 399 -11.83 3.65 42.38
CA TRP A 399 -10.62 3.03 41.85
C TRP A 399 -9.90 3.88 40.80
N THR A 400 -10.16 5.19 40.85
CA THR A 400 -9.45 6.17 40.05
C THR A 400 -8.32 6.73 40.93
N ASN A 401 -7.08 6.37 40.61
CA ASN A 401 -5.94 6.81 41.41
C ASN A 401 -5.49 8.24 41.07
N ASP A 402 -4.47 8.73 41.77
CA ASP A 402 -4.01 10.11 41.60
C ASP A 402 -3.45 10.40 40.21
N VAL A 403 -2.82 9.41 39.60
CA VAL A 403 -2.32 9.52 38.24
C VAL A 403 -3.48 9.69 37.24
N ALA A 404 -4.52 8.87 37.39
CA ALA A 404 -5.73 8.99 36.57
C ALA A 404 -6.41 10.35 36.78
N LEU A 405 -6.51 10.79 38.03
CA LEU A 405 -7.09 12.08 38.38
C LEU A 405 -6.34 13.25 37.75
N GLN A 406 -5.00 13.19 37.78
CA GLN A 406 -4.17 14.20 37.15
C GLN A 406 -4.45 14.28 35.65
N GLY A 407 -4.62 13.14 35.02
CA GLY A 407 -4.93 13.06 33.59
C GLY A 407 -6.31 13.60 33.24
N ILE A 408 -7.31 13.16 34.02
CA ILE A 408 -8.68 13.63 33.86
C ILE A 408 -8.74 15.16 33.98
N ASP A 409 -8.14 15.68 35.04
CA ASP A 409 -8.15 17.13 35.29
C ASP A 409 -7.36 17.91 34.26
N MET A 410 -6.26 17.35 33.77
CA MET A 410 -5.49 18.01 32.70
C MET A 410 -6.38 18.19 31.46
N TYR A 411 -7.07 17.12 31.07
CA TYR A 411 -7.91 17.11 29.88
C TYR A 411 -9.14 18.02 30.02
N ILE A 412 -9.77 18.00 31.18
CA ILE A 412 -10.92 18.87 31.44
C ILE A 412 -10.50 20.35 31.42
N LYS A 413 -9.50 20.68 32.23
CA LYS A 413 -9.06 22.08 32.37
C LYS A 413 -8.47 22.69 31.10
N ASN A 414 -7.68 21.91 30.36
CA ASN A 414 -7.03 22.40 29.15
C ASN A 414 -7.88 22.28 27.88
N LYS A 415 -9.12 21.77 28.05
CA LYS A 415 -10.15 21.76 27.00
C LYS A 415 -9.78 20.97 25.74
N TYR A 416 -9.12 19.83 25.90
CA TYR A 416 -8.69 19.00 24.77
C TYR A 416 -9.85 18.26 24.10
N VAL A 417 -10.90 17.96 24.87
CA VAL A 417 -11.98 17.12 24.37
C VAL A 417 -12.86 17.85 23.35
N LEU A 418 -12.94 17.28 22.16
CA LEU A 418 -13.73 17.85 21.07
C LEU A 418 -15.23 17.75 21.35
N PRO A 419 -16.02 18.73 20.86
CA PRO A 419 -17.48 18.61 20.92
C PRO A 419 -17.93 17.32 20.25
N GLN A 420 -18.81 16.57 20.92
CA GLN A 420 -19.25 15.27 20.42
C GLN A 420 -20.47 15.36 19.52
N PHE A 421 -20.54 14.46 18.55
CA PHE A 421 -21.71 14.33 17.69
C PHE A 421 -22.82 13.62 18.47
N THR A 422 -23.97 14.27 18.56
CA THR A 422 -25.09 13.74 19.34
C THR A 422 -26.21 13.21 18.45
N GLY A 423 -25.89 13.00 17.18
CA GLY A 423 -26.85 12.41 16.24
C GLY A 423 -27.80 13.41 15.62
N VAL A 424 -28.52 12.94 14.60
CA VAL A 424 -29.57 13.73 13.96
C VAL A 424 -30.88 12.93 13.96
N ASN A 425 -32.00 13.65 13.97
CA ASN A 425 -33.30 12.99 13.96
C ASN A 425 -33.80 12.75 12.54
N LEU A 426 -33.55 11.54 12.06
CA LEU A 426 -34.03 11.11 10.75
C LEU A 426 -35.52 10.85 10.80
N THR A 427 -36.22 11.13 9.71
CA THR A 427 -37.60 10.68 9.55
C THR A 427 -37.57 9.18 9.26
N VAL A 428 -38.72 8.54 9.29
CA VAL A 428 -38.81 7.11 8.96
C VAL A 428 -38.24 6.85 7.57
N GLU A 429 -38.61 7.68 6.60
CA GLU A 429 -38.15 7.55 5.21
C GLU A 429 -36.63 7.69 5.07
N GLU A 430 -36.06 8.62 5.83
CA GLU A 430 -34.61 8.84 5.82
C GLU A 430 -33.90 7.67 6.50
N ARG A 431 -34.51 7.17 7.56
CA ARG A 431 -34.01 6.02 8.31
CA ARG A 431 -34.00 6.02 8.31
C ARG A 431 -33.95 4.76 7.45
N GLU A 432 -34.94 4.60 6.55
CA GLU A 432 -34.95 3.47 5.62
CA GLU A 432 -34.95 3.47 5.62
C GLU A 432 -33.66 3.43 4.79
N ILE A 433 -33.25 4.60 4.30
CA ILE A 433 -32.03 4.73 3.50
C ILE A 433 -30.78 4.44 4.35
N TYR A 434 -30.78 4.97 5.58
CA TYR A 434 -29.72 4.71 6.56
C TYR A 434 -29.56 3.21 6.82
N ASP A 435 -30.65 2.55 7.22
CA ASP A 435 -30.63 1.12 7.54
C ASP A 435 -30.26 0.24 6.34
N LYS A 436 -30.66 0.67 5.14
CA LYS A 436 -30.42 -0.07 3.92
C LYS A 436 -28.93 -0.11 3.55
N TYR A 437 -28.29 1.06 3.56
CA TYR A 437 -26.94 1.20 3.02
C TYR A 437 -25.82 1.23 4.05
N TRP A 438 -26.07 1.90 5.18
CA TRP A 438 -24.99 2.19 6.14
C TRP A 438 -24.22 0.98 6.68
N PRO A 439 -24.91 -0.10 7.10
CA PRO A 439 -24.16 -1.23 7.66
C PRO A 439 -23.12 -1.80 6.71
N ASP A 440 -23.47 -2.00 5.45
CA ASP A 440 -22.53 -2.53 4.46
C ASP A 440 -21.43 -1.53 4.11
N VAL A 441 -21.77 -0.24 4.10
CA VAL A 441 -20.78 0.81 3.88
C VAL A 441 -19.75 0.84 5.01
N LYS A 442 -20.24 0.83 6.25
CA LYS A 442 -19.37 0.83 7.43
C LYS A 442 -18.39 -0.35 7.44
N THR A 443 -18.90 -1.55 7.11
CA THR A 443 -18.07 -2.75 7.01
C THR A 443 -16.98 -2.58 5.95
N TYR A 444 -17.38 -2.08 4.78
CA TYR A 444 -16.45 -1.79 3.70
C TYR A 444 -15.39 -0.78 4.13
N MET A 445 -15.81 0.28 4.81
CA MET A 445 -14.90 1.30 5.33
C MET A 445 -13.87 0.74 6.29
N PHE A 446 -14.31 -0.09 7.23
CA PHE A 446 -13.40 -0.72 8.20
C PHE A 446 -12.37 -1.59 7.48
N GLU A 447 -12.85 -2.41 6.54
CA GLU A 447 -11.99 -3.34 5.83
C GLU A 447 -10.95 -2.64 4.97
N MET A 448 -11.36 -1.54 4.32
CA MET A 448 -10.43 -0.71 3.55
C MET A 448 -9.43 -0.02 4.49
N GLY A 449 -9.93 0.46 5.61
CA GLY A 449 -9.10 1.08 6.64
C GLY A 449 -8.00 0.15 7.12
N GLN A 450 -8.39 -1.08 7.48
CA GLN A 450 -7.43 -2.09 7.88
C GLN A 450 -6.40 -2.36 6.78
N SER A 451 -6.86 -2.49 5.53
CA SER A 451 -5.99 -2.74 4.39
C SER A 451 -4.95 -1.64 4.18
N TRP A 452 -5.38 -0.39 4.33
CA TRP A 452 -4.48 0.76 4.20
C TRP A 452 -3.41 0.76 5.30
N VAL A 453 -3.85 0.56 6.55
CA VAL A 453 -2.93 0.52 7.70
C VAL A 453 -1.90 -0.61 7.55
N MET A 454 -2.38 -1.80 7.20
CA MET A 454 -1.52 -2.98 7.09
C MET A 454 -0.62 -2.99 5.85
N GLY A 455 -0.87 -2.04 4.95
CA GLY A 455 -0.04 -1.85 3.76
C GLY A 455 -0.35 -2.76 2.59
N THR A 456 -1.46 -3.47 2.66
CA THR A 456 -1.88 -4.35 1.55
C THR A 456 -2.46 -3.53 0.40
N LYS A 457 -3.10 -2.42 0.73
CA LYS A 457 -3.56 -1.46 -0.26
C LYS A 457 -2.98 -0.08 0.03
N ASP A 458 -2.60 0.63 -1.03
CA ASP A 458 -2.09 2.00 -0.92
C ASP A 458 -3.27 2.97 -1.01
N PRO A 459 -3.50 3.73 0.08
CA PRO A 459 -4.60 4.70 0.13
C PRO A 459 -4.60 5.69 -1.03
N GLU A 460 -3.41 6.13 -1.45
CA GLU A 460 -3.28 7.07 -2.55
C GLU A 460 -3.76 6.46 -3.88
N LYS A 461 -3.41 5.20 -4.09
CA LYS A 461 -3.72 4.51 -5.35
C LYS A 461 -5.16 3.98 -5.43
N THR A 462 -5.80 3.77 -4.29
CA THR A 462 -7.14 3.18 -4.25
C THR A 462 -8.26 4.17 -3.91
N TRP A 463 -7.89 5.40 -3.56
CA TRP A 463 -8.85 6.41 -3.09
C TRP A 463 -10.03 6.64 -4.03
N ASN A 464 -9.74 6.88 -5.30
CA ASN A 464 -10.76 7.17 -6.30
C ASN A 464 -11.73 6.01 -6.52
N ASP A 465 -11.21 4.80 -6.58
CA ASP A 465 -12.04 3.60 -6.69
C ASP A 465 -12.81 3.37 -5.39
N TYR A 466 -12.16 3.62 -4.26
CA TYR A 466 -12.80 3.58 -2.95
C TYR A 466 -14.00 4.51 -2.88
N GLN A 467 -13.84 5.73 -3.37
CA GLN A 467 -14.91 6.72 -3.43
C GLN A 467 -16.06 6.26 -4.33
N GLN A 468 -15.70 5.69 -5.48
CA GLN A 468 -16.68 5.12 -6.40
C GLN A 468 -17.45 3.98 -5.74
N GLN A 469 -16.74 3.14 -5.00
CA GLN A 469 -17.35 2.04 -4.26
C GLN A 469 -18.32 2.54 -3.20
N LEU A 470 -17.94 3.61 -2.51
CA LEU A 470 -18.81 4.25 -1.52
C LEU A 470 -20.12 4.71 -2.18
N LYS A 471 -20.00 5.33 -3.36
CA LYS A 471 -21.15 5.77 -4.14
C LYS A 471 -22.04 4.59 -4.52
N ASN A 472 -21.43 3.55 -5.07
CA ASN A 472 -22.15 2.34 -5.48
C ASN A 472 -22.88 1.66 -4.32
N ARG A 473 -22.30 1.75 -3.14
CA ARG A 473 -22.86 1.13 -1.93
C ARG A 473 -23.87 2.02 -1.22
N GLY A 474 -24.09 3.21 -1.76
CA GLY A 474 -25.13 4.11 -1.28
C GLY A 474 -24.73 5.06 -0.17
N PHE A 475 -23.41 5.20 0.06
CA PHE A 475 -22.90 6.07 1.11
C PHE A 475 -23.36 7.53 0.99
N TYR A 476 -23.33 8.06 -0.23
CA TYR A 476 -23.69 9.46 -0.44
C TYR A 476 -25.19 9.70 -0.38
N GLN A 477 -25.97 8.65 -0.59
CA GLN A 477 -27.41 8.66 -0.32
C GLN A 477 -27.66 8.78 1.19
N VAL A 478 -26.84 8.09 1.97
CA VAL A 478 -26.86 8.21 3.42
C VAL A 478 -26.46 9.63 3.86
N MET A 479 -25.42 10.17 3.23
CA MET A 479 -24.96 11.53 3.54
C MET A 479 -26.03 12.59 3.28
N ILE A 480 -26.79 12.40 2.22
CA ILE A 480 -27.87 13.32 1.85
C ILE A 480 -28.95 13.38 2.93
N VAL A 481 -29.44 12.21 3.37
CA VAL A 481 -30.47 12.17 4.42
C VAL A 481 -29.97 12.70 5.78
N MET A 482 -28.70 12.41 6.09
CA MET A 482 -28.07 12.92 7.32
C MET A 482 -28.02 14.45 7.30
N GLN A 483 -27.60 15.01 6.16
CA GLN A 483 -27.53 16.47 6.01
C GLN A 483 -28.91 17.11 6.04
N LYS A 484 -29.88 16.48 5.38
CA LYS A 484 -31.27 16.96 5.38
C LYS A 484 -31.87 16.97 6.79
N ALA A 485 -31.59 15.93 7.57
CA ALA A 485 -32.04 15.83 8.94
C ALA A 485 -31.37 16.89 9.82
N TYR A 486 -30.08 17.11 9.61
CA TYR A 486 -29.33 18.14 10.33
C TYR A 486 -29.88 19.55 10.04
N ASP A 487 -30.17 19.82 8.78
CA ASP A 487 -30.69 21.11 8.34
C ASP A 487 -32.06 21.43 8.98
N ARG A 488 -32.87 20.40 9.17
CA ARG A 488 -34.16 20.52 9.86
C ARG A 488 -33.99 20.82 11.34
N GLN A 489 -33.09 20.09 11.99
CA GLN A 489 -32.93 20.12 13.44
C GLN A 489 -32.14 21.34 13.92
N TYR A 490 -31.18 21.79 13.11
CA TYR A 490 -30.29 22.89 13.50
C TYR A 490 -30.30 24.03 12.49
N GLU B 2 -3.77 -15.05 2.93
CA GLU B 2 -3.22 -13.66 2.92
C GLU B 2 -4.23 -12.67 2.37
N ALA B 3 -4.17 -11.43 2.87
CA ALA B 3 -5.11 -10.37 2.47
C ALA B 3 -4.91 -9.90 1.02
N THR B 4 -3.72 -10.12 0.48
CA THR B 4 -3.38 -9.74 -0.89
C THR B 4 -3.84 -10.76 -1.93
N TRP B 5 -4.35 -11.90 -1.46
CA TRP B 5 -4.89 -12.96 -2.33
C TRP B 5 -5.88 -12.41 -3.35
N VAL B 6 -5.60 -12.67 -4.63
CA VAL B 6 -6.47 -12.20 -5.71
C VAL B 6 -7.47 -13.30 -6.14
N THR B 7 -7.20 -14.52 -5.68
CA THR B 7 -8.07 -15.66 -5.91
C THR B 7 -8.34 -16.39 -4.60
N GLU B 8 -9.54 -16.96 -4.48
CA GLU B 8 -9.90 -17.78 -3.33
C GLU B 8 -9.24 -19.16 -3.47
N LYS B 9 -9.49 -19.82 -4.59
CA LYS B 9 -8.87 -21.10 -4.90
C LYS B 9 -7.50 -20.86 -5.57
N PRO B 10 -6.51 -21.72 -5.28
CA PRO B 10 -5.18 -21.57 -5.90
C PRO B 10 -5.26 -21.73 -7.40
N LEU B 11 -4.58 -20.83 -8.13
CA LEU B 11 -4.65 -20.80 -9.58
C LEU B 11 -3.26 -20.99 -10.16
N THR B 12 -3.17 -21.84 -11.19
CA THR B 12 -1.92 -22.00 -11.92
C THR B 12 -2.13 -21.58 -13.38
N LEU B 13 -1.30 -20.64 -13.83
CA LEU B 13 -1.38 -20.13 -15.20
C LEU B 13 -0.07 -20.35 -15.94
N LYS B 14 -0.17 -20.61 -17.23
CA LYS B 14 1.00 -20.83 -18.08
C LYS B 14 1.46 -19.52 -18.68
N ILE B 15 2.71 -19.15 -18.40
CA ILE B 15 3.32 -17.97 -19.01
C ILE B 15 4.42 -18.36 -19.98
N HIS B 16 4.33 -17.85 -21.20
CA HIS B 16 5.46 -17.93 -22.13
C HIS B 16 6.23 -16.61 -22.05
N MET B 17 7.40 -16.66 -21.42
CA MET B 17 8.24 -15.48 -21.34
C MET B 17 9.70 -15.82 -21.61
N HIS B 18 10.15 -15.44 -22.80
CA HIS B 18 11.54 -15.57 -23.20
C HIS B 18 12.04 -14.15 -23.43
N PHE B 19 13.11 -13.76 -22.74
CA PHE B 19 13.60 -12.38 -22.84
C PHE B 19 15.11 -12.22 -22.89
N ARG B 20 15.54 -11.16 -23.57
CA ARG B 20 16.95 -10.77 -23.69
C ARG B 20 17.85 -11.87 -24.27
N ASP B 21 17.22 -12.74 -25.07
CA ASP B 21 17.87 -13.90 -25.73
C ASP B 21 18.52 -14.91 -24.78
N LYS B 22 18.21 -14.83 -23.49
CA LYS B 22 18.92 -15.63 -22.48
C LYS B 22 18.05 -16.19 -21.35
N TRP B 23 16.92 -15.55 -21.09
CA TRP B 23 16.14 -15.88 -19.89
C TRP B 23 14.71 -16.33 -20.18
N VAL B 24 14.19 -17.16 -19.27
CA VAL B 24 12.78 -17.56 -19.27
C VAL B 24 12.18 -17.36 -17.88
N TRP B 25 10.86 -17.28 -17.79
CA TRP B 25 10.18 -17.29 -16.50
C TRP B 25 10.48 -18.61 -15.79
N ASP B 26 10.74 -18.52 -14.49
CA ASP B 26 11.03 -19.68 -13.65
C ASP B 26 10.17 -19.58 -12.40
N GLU B 27 9.22 -20.50 -12.26
CA GLU B 27 8.33 -20.54 -11.09
C GLU B 27 9.12 -20.80 -9.80
N ASN B 28 10.34 -21.29 -9.94
CA ASN B 28 11.21 -21.55 -8.79
C ASN B 28 12.00 -20.32 -8.33
N TRP B 29 11.94 -19.25 -9.11
CA TRP B 29 12.47 -17.95 -8.69
C TRP B 29 11.90 -17.57 -7.33
N PRO B 30 12.77 -17.13 -6.40
CA PRO B 30 12.27 -16.64 -5.10
C PRO B 30 11.20 -15.54 -5.22
N VAL B 31 11.36 -14.63 -6.17
CA VAL B 31 10.35 -13.58 -6.40
C VAL B 31 9.03 -14.19 -6.87
N ALA B 32 9.10 -15.07 -7.87
CA ALA B 32 7.91 -15.77 -8.37
C ALA B 32 7.20 -16.51 -7.24
N ARG B 33 7.98 -17.18 -6.39
CA ARG B 33 7.46 -17.92 -5.24
C ARG B 33 6.72 -17.01 -4.26
N GLU B 34 7.32 -15.86 -3.94
CA GLU B 34 6.73 -14.92 -2.99
C GLU B 34 5.47 -14.27 -3.55
N VAL B 35 5.51 -13.90 -4.83
CA VAL B 35 4.34 -13.37 -5.52
C VAL B 35 3.20 -14.39 -5.50
N ALA B 36 3.53 -15.65 -5.76
CA ALA B 36 2.56 -16.74 -5.70
C ALA B 36 1.96 -16.89 -4.30
N ARG B 37 2.79 -16.79 -3.28
CA ARG B 37 2.34 -16.91 -1.89
C ARG B 37 1.35 -15.81 -1.50
N LEU B 38 1.63 -14.59 -1.93
CA LEU B 38 0.83 -13.43 -1.55
C LEU B 38 -0.43 -13.25 -2.40
N THR B 39 -0.40 -13.71 -3.65
CA THR B 39 -1.55 -13.53 -4.56
C THR B 39 -2.39 -14.80 -4.77
N ASN B 40 -1.83 -15.96 -4.40
CA ASN B 40 -2.46 -17.27 -4.62
C ASN B 40 -2.56 -17.65 -6.11
N VAL B 41 -1.75 -16.99 -6.94
CA VAL B 41 -1.65 -17.32 -8.36
C VAL B 41 -0.20 -17.68 -8.70
N LYS B 42 0.00 -18.88 -9.24
CA LYS B 42 1.31 -19.36 -9.64
C LYS B 42 1.46 -19.30 -11.16
N LEU B 43 2.58 -18.75 -11.62
CA LEU B 43 2.87 -18.73 -13.04
C LEU B 43 3.94 -19.76 -13.36
N VAL B 44 3.60 -20.70 -14.23
CA VAL B 44 4.53 -21.75 -14.67
CA VAL B 44 4.54 -21.73 -14.66
C VAL B 44 5.04 -21.46 -16.09
N GLY B 45 6.36 -21.44 -16.23
CA GLY B 45 6.99 -21.15 -17.52
C GLY B 45 6.82 -22.25 -18.53
N VAL B 46 6.46 -21.87 -19.75
CA VAL B 46 6.27 -22.84 -20.84
C VAL B 46 7.15 -22.53 -22.07
N ALA B 47 8.04 -21.54 -21.92
CA ALA B 47 8.97 -21.17 -22.98
C ALA B 47 10.14 -22.16 -23.06
N ASN B 48 10.73 -22.27 -24.24
CA ASN B 48 11.89 -23.13 -24.47
C ASN B 48 13.10 -22.66 -23.68
N ARG B 49 13.60 -23.56 -22.81
CA ARG B 49 14.77 -23.30 -21.96
C ARG B 49 16.09 -23.53 -22.69
N ALA B 50 16.01 -24.00 -23.93
CA ALA B 50 17.20 -24.33 -24.73
C ALA B 50 17.19 -23.57 -26.05
N ALA B 51 16.91 -22.27 -25.98
CA ALA B 51 16.83 -21.42 -27.16
C ALA B 51 17.69 -20.16 -27.02
N THR B 52 18.05 -19.56 -28.15
CA THR B 52 18.99 -18.43 -28.15
C THR B 52 18.45 -17.13 -28.75
N ASN B 53 17.18 -17.11 -29.14
CA ASN B 53 16.57 -15.93 -29.75
C ASN B 53 15.13 -15.71 -29.27
N SER B 54 14.93 -14.62 -28.52
CA SER B 54 13.64 -14.33 -27.89
C SER B 54 12.50 -14.01 -28.87
N GLN B 55 12.82 -13.24 -29.91
CA GLN B 55 11.81 -12.85 -30.90
C GLN B 55 11.34 -14.05 -31.72
N GLU B 56 12.28 -14.92 -32.10
CA GLU B 56 11.94 -16.15 -32.83
C GLU B 56 11.17 -17.11 -31.93
N GLN B 57 11.47 -17.11 -30.64
CA GLN B 57 10.73 -17.91 -29.66
C GLN B 57 9.26 -17.51 -29.57
N PHE B 58 9.00 -16.20 -29.62
CA PHE B 58 7.64 -15.69 -29.69
C PHE B 58 6.96 -16.19 -30.97
N ASN B 59 7.68 -16.06 -32.09
CA ASN B 59 7.19 -16.50 -33.40
C ASN B 59 6.86 -17.99 -33.41
N LEU B 60 7.80 -18.80 -32.90
CA LEU B 60 7.62 -20.25 -32.81
CA LEU B 60 7.62 -20.25 -32.81
C LEU B 60 6.45 -20.61 -31.90
N MET B 61 6.33 -19.91 -30.77
CA MET B 61 5.21 -20.08 -29.85
C MET B 61 3.88 -19.86 -30.56
N MET B 62 3.80 -18.76 -31.31
CA MET B 62 2.61 -18.37 -32.04
C MET B 62 2.25 -19.37 -33.15
N ALA B 63 3.27 -19.93 -33.81
CA ALA B 63 3.08 -20.83 -34.94
C ALA B 63 2.89 -22.30 -34.56
N SER B 64 3.36 -22.69 -33.38
CA SER B 64 3.32 -24.10 -32.95
C SER B 64 1.96 -24.49 -32.38
N GLY B 65 1.03 -23.55 -32.33
CA GLY B 65 -0.29 -23.77 -31.76
C GLY B 65 -0.29 -23.76 -30.25
N GLN B 66 0.89 -23.57 -29.64
CA GLN B 66 1.00 -23.43 -28.20
C GLN B 66 0.49 -22.04 -27.84
N LEU B 67 -0.63 -21.97 -27.14
CA LEU B 67 -1.04 -20.70 -26.55
C LEU B 67 -1.12 -20.79 -25.04
N PRO B 68 -0.21 -20.08 -24.35
CA PRO B 68 -0.20 -19.97 -22.90
C PRO B 68 -1.31 -19.03 -22.42
N ASP B 69 -1.33 -18.74 -21.12
CA ASP B 69 -2.30 -17.82 -20.55
C ASP B 69 -1.78 -16.38 -20.57
N ILE B 70 -0.46 -16.24 -20.43
CA ILE B 70 0.22 -14.94 -20.44
C ILE B 70 1.44 -15.03 -21.35
N VAL B 71 1.73 -13.95 -22.07
CA VAL B 71 2.95 -13.83 -22.85
C VAL B 71 3.69 -12.58 -22.42
N GLY B 72 4.97 -12.75 -22.07
CA GLY B 72 5.79 -11.63 -21.62
C GLY B 72 7.15 -11.58 -22.29
N GLY B 73 7.81 -10.42 -22.20
CA GLY B 73 9.18 -10.28 -22.69
C GLY B 73 9.53 -8.90 -23.20
N ASP B 74 10.80 -8.72 -23.53
CA ASP B 74 11.29 -7.45 -24.04
C ASP B 74 11.06 -7.30 -25.54
N ASN B 75 10.83 -6.06 -25.97
CA ASN B 75 10.67 -5.70 -27.39
C ASN B 75 9.49 -6.37 -28.08
N LEU B 76 8.38 -6.48 -27.36
CA LEU B 76 7.19 -7.16 -27.87
C LEU B 76 6.01 -6.23 -28.14
N LYS B 77 6.17 -4.93 -27.85
CA LYS B 77 5.09 -3.95 -28.06
C LYS B 77 4.36 -4.12 -29.39
N ASP B 78 5.11 -4.07 -30.49
CA ASP B 78 4.53 -4.15 -31.83
C ASP B 78 3.79 -5.47 -32.07
N LYS B 79 4.32 -6.56 -31.52
CA LYS B 79 3.69 -7.87 -31.63
C LYS B 79 2.46 -7.99 -30.71
N PHE B 80 2.55 -7.41 -29.51
CA PHE B 80 1.38 -7.29 -28.63
C PHE B 80 0.24 -6.54 -29.32
N ILE B 81 0.57 -5.42 -29.96
CA ILE B 81 -0.44 -4.60 -30.63
C ILE B 81 -1.02 -5.30 -31.86
N ARG B 82 -0.14 -5.77 -32.76
CA ARG B 82 -0.58 -6.46 -33.98
C ARG B 82 -1.48 -7.66 -33.68
N TYR B 83 -0.96 -8.61 -32.89
CA TYR B 83 -1.73 -9.83 -32.58
C TYR B 83 -2.89 -9.58 -31.61
N GLY B 84 -2.82 -8.46 -30.90
CA GLY B 84 -3.96 -7.99 -30.10
C GLY B 84 -5.12 -7.61 -30.99
N MET B 85 -4.85 -6.82 -32.01
CA MET B 85 -5.86 -6.42 -33.00
C MET B 85 -6.32 -7.62 -33.85
N GLU B 86 -5.52 -8.66 -33.90
CA GLU B 86 -5.87 -9.90 -34.60
C GLU B 86 -6.61 -10.89 -33.71
N GLY B 87 -6.67 -10.60 -32.41
CA GLY B 87 -7.47 -11.39 -31.47
C GLY B 87 -6.74 -12.43 -30.66
N ALA B 88 -5.41 -12.46 -30.77
CA ALA B 88 -4.59 -13.40 -30.00
C ALA B 88 -4.46 -12.96 -28.55
N PHE B 89 -4.33 -11.65 -28.34
CA PHE B 89 -4.32 -11.07 -27.00
C PHE B 89 -5.59 -10.24 -26.78
N ILE B 90 -6.11 -10.26 -25.57
CA ILE B 90 -7.36 -9.56 -25.26
C ILE B 90 -7.12 -8.09 -24.89
N PRO B 91 -8.08 -7.20 -25.20
CA PRO B 91 -8.01 -5.82 -24.72
C PRO B 91 -8.17 -5.77 -23.21
N LEU B 92 -7.47 -4.85 -22.55
CA LEU B 92 -7.42 -4.81 -21.09
C LEU B 92 -8.22 -3.65 -20.48
N ASN B 93 -8.75 -2.77 -21.32
CA ASN B 93 -9.43 -1.54 -20.89
C ASN B 93 -10.48 -1.76 -19.80
N LYS B 94 -11.44 -2.64 -20.09
CA LYS B 94 -12.52 -2.95 -19.15
C LYS B 94 -12.03 -3.70 -17.91
N LEU B 95 -11.18 -4.70 -18.12
CA LEU B 95 -10.55 -5.45 -17.02
C LEU B 95 -9.87 -4.51 -16.03
N ILE B 96 -9.10 -3.55 -16.55
CA ILE B 96 -8.40 -2.56 -15.72
C ILE B 96 -9.39 -1.66 -14.98
N ASP B 97 -10.33 -1.09 -15.71
CA ASP B 97 -11.32 -0.17 -15.14
C ASP B 97 -12.11 -0.79 -13.98
N GLN B 98 -12.42 -2.08 -14.09
CA GLN B 98 -13.28 -2.78 -13.12
C GLN B 98 -12.51 -3.49 -12.00
N ASN B 99 -11.23 -3.77 -12.21
CA ASN B 99 -10.48 -4.67 -11.32
C ASN B 99 -9.08 -4.22 -10.91
N ALA B 100 -8.58 -3.13 -11.50
CA ALA B 100 -7.18 -2.75 -11.31
C ALA B 100 -6.94 -1.32 -10.81
N PRO B 101 -7.27 -1.04 -9.54
CA PRO B 101 -7.13 0.32 -9.00
C PRO B 101 -5.71 0.88 -9.06
N ASN B 102 -4.70 0.07 -8.76
CA ASN B 102 -3.30 0.49 -8.80
C ASN B 102 -2.88 0.95 -10.20
N LEU B 103 -3.29 0.19 -11.21
CA LEU B 103 -3.04 0.54 -12.60
C LEU B 103 -3.80 1.80 -13.01
N LYS B 104 -5.07 1.87 -12.60
CA LYS B 104 -5.91 3.03 -12.87
CA LYS B 104 -5.91 3.03 -12.87
C LYS B 104 -5.29 4.30 -12.32
N ALA B 105 -4.80 4.23 -11.07
CA ALA B 105 -4.14 5.34 -10.40
C ALA B 105 -2.82 5.71 -11.08
N PHE B 106 -2.08 4.69 -11.53
CA PHE B 106 -0.82 4.93 -12.22
C PHE B 106 -1.04 5.65 -13.55
N PHE B 107 -2.04 5.22 -14.31
CA PHE B 107 -2.35 5.83 -15.60
C PHE B 107 -2.81 7.29 -15.47
N LYS B 108 -3.57 7.58 -14.42
CA LYS B 108 -4.03 8.94 -14.12
C LYS B 108 -2.86 9.91 -13.91
N THR B 109 -1.84 9.46 -13.20
CA THR B 109 -0.66 10.29 -12.92
C THR B 109 0.38 10.18 -14.04
N HIS B 110 0.22 9.19 -14.91
CA HIS B 110 1.12 9.00 -16.04
C HIS B 110 0.36 8.82 -17.36
N PRO B 111 -0.39 9.87 -17.80
CA PRO B 111 -1.20 9.72 -19.02
C PRO B 111 -0.38 9.43 -20.28
N GLU B 112 0.85 9.92 -20.32
CA GLU B 112 1.76 9.68 -21.45
C GLU B 112 2.04 8.19 -21.62
N VAL B 113 2.13 7.48 -20.49
CA VAL B 113 2.40 6.04 -20.50
C VAL B 113 1.21 5.26 -21.04
N GLN B 114 0.00 5.62 -20.61
CA GLN B 114 -1.22 5.01 -21.15
C GLN B 114 -1.30 5.25 -22.66
N ARG B 115 -0.97 6.47 -23.08
CA ARG B 115 -0.97 6.83 -24.49
CA ARG B 115 -0.96 6.83 -24.50
C ARG B 115 0.01 5.96 -25.28
N ALA B 116 1.21 5.76 -24.72
CA ALA B 116 2.28 5.00 -25.38
C ALA B 116 1.97 3.53 -25.60
N ILE B 117 1.08 2.97 -24.77
CA ILE B 117 0.76 1.54 -24.85
C ILE B 117 -0.57 1.26 -25.54
N THR B 118 -1.32 2.31 -25.83
CA THR B 118 -2.63 2.19 -26.47
C THR B 118 -2.49 1.93 -27.98
N ALA B 119 -3.16 0.88 -28.45
CA ALA B 119 -3.20 0.56 -29.87
C ALA B 119 -4.09 1.56 -30.62
N PRO B 120 -3.94 1.63 -31.97
CA PRO B 120 -4.74 2.58 -32.77
C PRO B 120 -6.25 2.36 -32.68
N ASP B 121 -6.68 1.16 -32.30
CA ASP B 121 -8.10 0.86 -32.11
C ASP B 121 -8.62 1.30 -30.72
N GLY B 122 -7.75 1.93 -29.94
CA GLY B 122 -8.11 2.40 -28.61
C GLY B 122 -7.88 1.38 -27.50
N ASN B 123 -7.49 0.16 -27.87
CA ASN B 123 -7.31 -0.90 -26.88
C ASN B 123 -5.90 -0.98 -26.31
N ILE B 124 -5.82 -1.23 -25.01
CA ILE B 124 -4.57 -1.55 -24.34
C ILE B 124 -4.42 -3.08 -24.35
N TYR B 125 -3.39 -3.57 -25.04
CA TYR B 125 -3.20 -5.02 -25.21
C TYR B 125 -2.12 -5.61 -24.31
N TYR B 126 -1.41 -4.76 -23.58
CA TYR B 126 -0.34 -5.21 -22.70
C TYR B 126 -0.06 -4.20 -21.60
N LEU B 127 0.60 -4.66 -20.54
CA LEU B 127 1.09 -3.78 -19.49
C LEU B 127 2.60 -3.68 -19.58
N PRO B 128 3.13 -2.44 -19.58
CA PRO B 128 4.54 -2.22 -19.88
C PRO B 128 5.51 -2.30 -18.69
N TYR B 129 6.76 -2.58 -19.02
CA TYR B 129 7.90 -2.30 -18.16
C TYR B 129 8.08 -0.78 -18.14
N VAL B 130 7.95 -0.20 -16.94
CA VAL B 130 8.07 1.24 -16.75
C VAL B 130 9.37 1.56 -16.00
N PRO B 131 10.43 1.92 -16.73
CA PRO B 131 11.69 2.28 -16.07
C PRO B 131 11.55 3.53 -15.20
N ASP B 132 12.50 3.72 -14.29
CA ASP B 132 12.54 4.91 -13.44
C ASP B 132 13.94 5.49 -13.49
N GLY B 133 14.02 6.80 -13.74
CA GLY B 133 15.29 7.49 -13.89
C GLY B 133 15.30 8.34 -15.14
N LEU B 134 16.45 8.93 -15.44
CA LEU B 134 16.59 9.82 -16.58
C LEU B 134 17.77 9.43 -17.46
N VAL B 135 18.99 9.56 -16.94
CA VAL B 135 20.17 9.14 -17.69
C VAL B 135 20.29 7.61 -17.67
N SER B 136 20.89 7.07 -18.72
CA SER B 136 21.08 5.64 -18.84
C SER B 136 22.56 5.33 -19.04
N ARG B 137 23.02 5.52 -20.27
CA ARG B 137 24.38 5.17 -20.67
C ARG B 137 25.32 6.37 -20.72
N GLY B 138 26.61 6.09 -20.57
CA GLY B 138 27.66 7.07 -20.75
C GLY B 138 28.94 6.39 -21.20
N TYR B 139 29.89 7.20 -21.65
CA TYR B 139 31.20 6.70 -22.06
C TYR B 139 32.08 6.46 -20.84
N PHE B 140 32.76 5.32 -20.84
CA PHE B 140 33.69 4.94 -19.78
C PHE B 140 35.02 4.58 -20.43
N ILE B 141 36.12 5.03 -19.83
CA ILE B 141 37.46 4.76 -20.36
C ILE B 141 38.41 4.29 -19.25
N ARG B 142 39.43 3.51 -19.60
CA ARG B 142 40.42 3.06 -18.63
C ARG B 142 41.40 4.16 -18.27
N GLN B 143 41.14 4.83 -17.15
CA GLN B 143 42.00 5.92 -16.66
C GLN B 143 43.42 5.43 -16.34
N ASP B 144 43.52 4.22 -15.80
CA ASP B 144 44.84 3.65 -15.51
C ASP B 144 45.67 3.40 -16.77
N TRP B 145 45.01 3.03 -17.87
CA TRP B 145 45.67 2.87 -19.16
C TRP B 145 46.10 4.23 -19.73
N LEU B 146 45.22 5.22 -19.60
CA LEU B 146 45.56 6.59 -19.98
C LEU B 146 46.83 7.07 -19.25
N ASP B 147 46.84 6.93 -17.92
CA ASP B 147 47.96 7.37 -17.10
C ASP B 147 49.25 6.63 -17.42
N LYS B 148 49.14 5.32 -17.61
CA LYS B 148 50.29 4.47 -17.91
C LYS B 148 50.95 4.83 -19.24
N LEU B 149 50.15 5.27 -20.20
CA LEU B 149 50.65 5.63 -21.53
C LEU B 149 50.94 7.12 -21.68
N HIS B 150 50.88 7.85 -20.56
CA HIS B 150 51.09 9.31 -20.52
C HIS B 150 50.17 10.05 -21.51
N LEU B 151 48.90 9.66 -21.50
CA LEU B 151 47.89 10.29 -22.34
C LEU B 151 46.84 10.96 -21.48
N LYS B 152 46.33 12.09 -21.95
CA LYS B 152 45.22 12.77 -21.28
C LYS B 152 43.90 12.24 -21.80
N THR B 153 42.83 12.46 -21.04
CA THR B 153 41.48 12.10 -21.44
C THR B 153 41.16 12.74 -22.80
N PRO B 154 40.75 11.92 -23.79
CA PRO B 154 40.45 12.42 -25.12
C PRO B 154 39.20 13.30 -25.13
N GLN B 155 39.33 14.49 -25.71
CA GLN B 155 38.26 15.49 -25.68
C GLN B 155 37.51 15.57 -27.01
N THR B 156 38.17 15.15 -28.08
CA THR B 156 37.61 15.15 -29.42
C THR B 156 37.71 13.74 -30.03
N VAL B 157 37.08 13.55 -31.19
CA VAL B 157 37.11 12.27 -31.89
C VAL B 157 38.52 11.93 -32.39
N ASP B 158 39.23 12.93 -32.90
CA ASP B 158 40.63 12.77 -33.32
C ASP B 158 41.53 12.32 -32.17
N GLU B 159 41.34 12.94 -31.00
CA GLU B 159 42.09 12.57 -29.80
C GLU B 159 41.75 11.16 -29.34
N LEU B 160 40.46 10.79 -29.44
CA LEU B 160 39.99 9.45 -29.08
C LEU B 160 40.60 8.39 -30.00
N TYR B 161 40.63 8.66 -31.30
CA TYR B 161 41.29 7.78 -32.27
C TYR B 161 42.73 7.48 -31.84
N THR B 162 43.48 8.54 -31.53
CA THR B 162 44.87 8.41 -31.10
C THR B 162 45.01 7.58 -29.82
N VAL B 163 44.10 7.83 -28.87
CA VAL B 163 44.09 7.11 -27.59
C VAL B 163 43.81 5.63 -27.80
N LEU B 164 42.79 5.33 -28.60
CA LEU B 164 42.42 3.94 -28.89
C LEU B 164 43.52 3.21 -29.66
N LYS B 165 44.16 3.92 -30.59
CA LYS B 165 45.31 3.40 -31.33
C LYS B 165 46.45 3.05 -30.37
N ALA B 166 46.67 3.92 -29.38
CA ALA B 166 47.66 3.67 -28.34
C ALA B 166 47.30 2.45 -27.49
N PHE B 167 46.02 2.33 -27.12
CA PHE B 167 45.54 1.15 -26.38
C PHE B 167 45.82 -0.13 -27.18
N LYS B 168 45.56 -0.07 -28.48
CA LYS B 168 45.76 -1.19 -29.38
C LYS B 168 47.23 -1.61 -29.49
N GLU B 169 48.12 -0.65 -29.72
CA GLU B 169 49.50 -0.93 -30.14
C GLU B 169 50.55 -0.87 -29.04
N LYS B 170 50.30 -0.10 -27.98
CA LYS B 170 51.34 0.20 -27.00
C LYS B 170 51.30 -0.64 -25.72
N ASP B 171 50.56 -1.74 -25.75
CA ASP B 171 50.62 -2.79 -24.72
C ASP B 171 50.41 -2.27 -23.27
N PRO B 172 49.24 -1.64 -23.00
CA PRO B 172 48.98 -1.10 -21.66
C PRO B 172 48.86 -2.13 -20.53
N ASN B 173 48.42 -3.35 -20.82
CA ASN B 173 48.40 -4.39 -19.77
C ASN B 173 49.77 -5.01 -19.52
N GLY B 174 50.70 -4.78 -20.45
CA GLY B 174 52.13 -5.06 -20.25
C GLY B 174 52.60 -6.50 -20.34
N ASN B 175 51.80 -7.36 -20.99
CA ASN B 175 52.18 -8.76 -21.15
C ASN B 175 52.93 -9.04 -22.45
N GLY B 176 53.31 -7.98 -23.15
CA GLY B 176 54.08 -8.08 -24.39
C GLY B 176 53.28 -8.51 -25.61
N LYS B 177 51.98 -8.70 -25.43
CA LYS B 177 51.11 -9.18 -26.51
C LYS B 177 50.13 -8.11 -26.96
N ALA B 178 49.80 -8.11 -28.25
CA ALA B 178 48.76 -7.24 -28.79
C ALA B 178 47.39 -7.87 -28.58
N ASP B 179 46.99 -7.99 -27.32
CA ASP B 179 45.74 -8.62 -26.93
C ASP B 179 44.67 -7.59 -26.53
N GLU B 180 45.06 -6.32 -26.47
CA GLU B 180 44.17 -5.24 -26.05
C GLU B 180 43.09 -4.96 -27.09
N ILE B 181 41.88 -4.79 -26.59
CA ILE B 181 40.73 -4.41 -27.40
C ILE B 181 40.27 -3.03 -26.91
N PRO B 182 40.53 -1.98 -27.71
CA PRO B 182 40.25 -0.61 -27.25
C PRO B 182 38.78 -0.36 -26.89
N PHE B 183 37.86 -0.63 -27.80
CA PHE B 183 36.43 -0.41 -27.55
C PHE B 183 35.66 -1.73 -27.52
N ILE B 184 34.95 -1.96 -26.41
CA ILE B 184 34.11 -3.14 -26.24
C ILE B 184 32.68 -2.73 -25.87
N ASN B 185 31.74 -3.64 -26.05
CA ASN B 185 30.36 -3.41 -25.65
C ASN B 185 29.54 -4.69 -25.59
N ARG B 186 28.77 -4.83 -24.51
CA ARG B 186 27.88 -5.98 -24.37
C ARG B 186 26.67 -5.92 -25.31
N ASP B 187 26.41 -4.73 -25.86
CA ASP B 187 25.35 -4.54 -26.86
C ASP B 187 25.95 -4.30 -28.24
N PRO B 188 25.73 -5.24 -29.18
CA PRO B 188 26.25 -5.08 -30.56
C PRO B 188 25.77 -3.80 -31.23
N GLU B 189 24.55 -3.36 -30.91
CA GLU B 189 23.97 -2.16 -31.53
C GLU B 189 24.73 -0.89 -31.19
N GLU B 190 25.50 -0.93 -30.10
CA GLU B 190 26.32 0.22 -29.71
C GLU B 190 27.43 0.55 -30.71
N VAL B 191 27.80 -0.42 -31.55
CA VAL B 191 28.75 -0.16 -32.63
C VAL B 191 28.18 0.84 -33.64
N PHE B 192 26.87 0.77 -33.88
CA PHE B 192 26.20 1.72 -34.76
C PHE B 192 26.13 3.11 -34.12
N ARG B 193 26.06 3.14 -32.78
CA ARG B 193 26.03 4.42 -32.05
C ARG B 193 27.34 5.20 -32.16
N LEU B 194 28.40 4.53 -32.62
CA LEU B 194 29.68 5.20 -32.85
C LEU B 194 29.62 6.25 -33.97
N VAL B 195 28.62 6.16 -34.84
CA VAL B 195 28.43 7.18 -35.88
C VAL B 195 28.08 8.55 -35.29
N ASN B 196 27.73 8.56 -33.99
CA ASN B 196 27.57 9.81 -33.25
C ASN B 196 28.83 10.67 -33.29
N PHE B 197 29.99 10.03 -33.31
CA PHE B 197 31.27 10.74 -33.38
C PHE B 197 31.41 11.55 -34.67
N TRP B 198 30.70 11.12 -35.71
CA TRP B 198 30.73 11.82 -36.99
C TRP B 198 29.38 12.48 -37.32
N GLY B 199 28.65 12.84 -36.26
CA GLY B 199 27.47 13.70 -36.38
C GLY B 199 26.24 13.03 -36.96
N ALA B 200 26.21 11.70 -36.93
CA ALA B 200 25.06 10.94 -37.38
C ALA B 200 24.37 10.28 -36.19
N ARG B 201 23.06 10.18 -36.28
CA ARG B 201 22.27 9.47 -35.27
C ARG B 201 22.29 7.97 -35.55
N SER B 202 22.08 7.16 -34.51
CA SER B 202 21.88 5.71 -34.68
C SER B 202 20.47 5.27 -34.25
N THR B 203 19.87 6.04 -33.35
CA THR B 203 18.51 5.80 -32.88
C THR B 203 17.94 7.03 -32.17
N GLY B 204 16.62 7.19 -32.26
CA GLY B 204 15.93 8.31 -31.60
C GLY B 204 15.59 8.07 -30.14
N SER B 205 15.76 6.84 -29.67
CA SER B 205 15.37 6.48 -28.29
C SER B 205 16.14 5.27 -27.78
N ASN B 206 15.80 4.84 -26.56
CA ASN B 206 16.38 3.65 -25.95
C ASN B 206 16.05 2.36 -26.71
N THR B 207 14.98 2.40 -27.49
CA THR B 207 14.66 1.32 -28.43
C THR B 207 15.65 1.39 -29.59
N TRP B 208 16.30 0.27 -29.88
CA TRP B 208 17.29 0.22 -30.97
C TRP B 208 16.65 0.60 -32.30
N MET B 209 17.40 1.33 -33.11
CA MET B 209 17.01 1.69 -34.49
C MET B 209 15.67 2.41 -34.56
N ASP B 210 15.42 3.29 -33.60
CA ASP B 210 14.18 4.06 -33.57
C ASP B 210 14.34 5.30 -34.43
N PHE B 211 13.22 5.79 -34.96
CA PHE B 211 13.18 7.05 -35.70
C PHE B 211 13.52 8.22 -34.77
N TYR B 212 13.87 9.36 -35.36
CA TYR B 212 14.02 10.62 -34.63
C TYR B 212 13.38 11.77 -35.39
N VAL B 213 13.29 12.94 -34.73
CA VAL B 213 12.68 14.14 -35.31
CA VAL B 213 12.71 14.11 -35.35
C VAL B 213 13.71 15.27 -35.37
N GLU B 214 13.78 15.95 -36.51
CA GLU B 214 14.64 17.11 -36.67
C GLU B 214 13.94 18.10 -37.59
N ASN B 215 13.80 19.34 -37.12
CA ASN B 215 13.09 20.40 -37.85
C ASN B 215 11.66 20.00 -38.25
N GLY B 216 10.99 19.26 -37.37
CA GLY B 216 9.62 18.79 -37.61
C GLY B 216 9.51 17.65 -38.61
N LYS B 217 10.65 17.12 -39.04
CA LYS B 217 10.68 16.05 -40.02
CA LYS B 217 10.68 16.04 -40.02
C LYS B 217 11.08 14.73 -39.37
N ILE B 218 10.29 13.69 -39.60
CA ILE B 218 10.60 12.34 -39.14
C ILE B 218 11.76 11.80 -39.99
N LYS B 219 12.76 11.25 -39.31
CA LYS B 219 13.92 10.69 -39.99
CA LYS B 219 13.92 10.69 -39.99
C LYS B 219 14.27 9.32 -39.42
N HIS B 220 14.91 8.48 -40.23
CA HIS B 220 15.46 7.26 -39.71
C HIS B 220 16.97 7.24 -39.87
N PRO B 221 17.71 7.03 -38.77
CA PRO B 221 19.17 7.07 -38.72
C PRO B 221 19.85 6.27 -39.82
N PHE B 222 19.36 5.06 -40.09
CA PHE B 222 20.00 4.17 -41.05
C PHE B 222 19.80 4.58 -42.51
N ALA B 223 18.85 5.48 -42.75
CA ALA B 223 18.54 5.93 -44.11
C ALA B 223 19.14 7.30 -44.45
N GLU B 224 19.76 7.94 -43.46
CA GLU B 224 20.33 9.29 -43.63
C GLU B 224 21.75 9.23 -44.20
N VAL B 225 22.08 10.19 -45.06
CA VAL B 225 23.41 10.28 -45.68
C VAL B 225 24.54 10.42 -44.66
N ALA B 226 24.27 11.12 -43.56
CA ALA B 226 25.22 11.22 -42.45
C ALA B 226 25.66 9.84 -41.93
N PHE B 227 24.75 8.86 -41.99
CA PHE B 227 25.04 7.49 -41.59
C PHE B 227 26.04 6.84 -42.54
N LYS B 228 25.85 7.05 -43.85
CA LYS B 228 26.79 6.56 -44.86
C LYS B 228 28.21 6.99 -44.53
N ASP B 229 28.40 8.28 -44.27
CA ASP B 229 29.70 8.85 -43.94
C ASP B 229 30.23 8.38 -42.59
N GLY B 230 29.35 8.36 -41.59
CA GLY B 230 29.72 7.91 -40.24
C GLY B 230 30.14 6.46 -40.17
N ILE B 231 29.37 5.59 -40.85
CA ILE B 231 29.64 4.16 -40.82
C ILE B 231 30.89 3.76 -41.61
N LYS B 232 31.36 4.65 -42.50
CA LYS B 232 32.58 4.48 -43.16
CA LYS B 232 32.65 4.48 -43.18
C LYS B 232 33.78 4.55 -42.17
N HIS B 233 33.67 5.50 -41.26
CA HIS B 233 34.65 5.67 -40.19
C HIS B 233 34.63 4.51 -39.20
N VAL B 234 33.43 4.06 -38.82
CA VAL B 234 33.26 2.93 -37.91
C VAL B 234 33.88 1.66 -38.54
N ALA B 235 33.64 1.46 -39.84
CA ALA B 235 34.24 0.35 -40.58
C ALA B 235 35.77 0.40 -40.54
N GLN B 236 36.34 1.59 -40.71
CA GLN B 236 37.79 1.77 -40.65
C GLN B 236 38.34 1.46 -39.25
N TRP B 237 37.64 1.93 -38.22
CA TRP B 237 38.02 1.62 -36.83
C TRP B 237 37.92 0.11 -36.57
N TYR B 238 36.89 -0.53 -37.12
CA TYR B 238 36.75 -1.98 -37.02
C TYR B 238 37.89 -2.70 -37.74
N LYS B 239 38.21 -2.24 -38.95
CA LYS B 239 39.28 -2.83 -39.75
C LYS B 239 40.63 -2.69 -39.03
N GLU B 240 40.82 -1.56 -38.34
CA GLU B 240 42.04 -1.30 -37.59
C GLU B 240 42.09 -2.01 -36.23
N GLY B 241 41.01 -2.69 -35.88
CA GLY B 241 40.94 -3.45 -34.62
C GLY B 241 40.74 -2.60 -33.38
N LEU B 242 40.28 -1.36 -33.57
CA LEU B 242 39.99 -0.48 -32.44
C LEU B 242 38.67 -0.86 -31.77
N ILE B 243 37.76 -1.39 -32.58
CA ILE B 243 36.51 -1.95 -32.09
C ILE B 243 36.66 -3.46 -31.98
N ASP B 244 36.15 -4.03 -30.89
CA ASP B 244 36.08 -5.47 -30.68
C ASP B 244 35.78 -6.20 -32.00
N PRO B 245 36.68 -7.09 -32.43
CA PRO B 245 36.36 -7.90 -33.61
C PRO B 245 35.09 -8.71 -33.37
N GLU B 246 34.82 -9.04 -32.11
CA GLU B 246 33.65 -9.83 -31.73
C GLU B 246 32.46 -8.98 -31.28
N ILE B 247 32.43 -7.71 -31.69
CA ILE B 247 31.38 -6.77 -31.28
C ILE B 247 29.95 -7.30 -31.53
N PHE B 248 29.77 -8.04 -32.62
CA PHE B 248 28.45 -8.60 -32.96
C PHE B 248 28.14 -9.93 -32.27
N THR B 249 29.16 -10.58 -31.72
CA THR B 249 29.01 -11.93 -31.18
C THR B 249 29.19 -12.06 -29.68
N ARG B 250 30.08 -11.26 -29.10
CA ARG B 250 30.47 -11.42 -27.70
C ARG B 250 29.28 -11.25 -26.75
N LYS B 251 28.63 -10.09 -26.85
CA LYS B 251 27.35 -9.84 -26.18
C LYS B 251 27.41 -9.75 -24.64
N ALA B 252 26.48 -10.42 -23.97
CA ALA B 252 26.13 -10.15 -22.57
C ALA B 252 27.29 -10.03 -21.57
N ARG B 253 28.26 -10.93 -21.65
CA ARG B 253 29.36 -10.96 -20.69
CA ARG B 253 29.36 -10.96 -20.69
C ARG B 253 30.63 -10.28 -21.21
N SER B 254 30.46 -9.36 -22.17
CA SER B 254 31.60 -8.63 -22.75
C SER B 254 32.49 -7.93 -21.71
N ARG B 255 31.87 -7.28 -20.72
CA ARG B 255 32.63 -6.53 -19.72
C ARG B 255 33.45 -7.45 -18.81
N GLU B 256 32.84 -8.54 -18.37
CA GLU B 256 33.50 -9.57 -17.57
C GLU B 256 34.67 -10.22 -18.32
N GLN B 257 34.49 -10.42 -19.62
CA GLN B 257 35.51 -11.05 -20.45
C GLN B 257 36.67 -10.13 -20.76
N THR B 258 36.38 -8.86 -21.05
CA THR B 258 37.39 -7.94 -21.56
C THR B 258 38.02 -7.11 -20.45
N PHE B 259 37.19 -6.35 -19.73
CA PHE B 259 37.67 -5.62 -18.55
C PHE B 259 38.20 -6.60 -17.50
N GLY B 260 37.48 -7.69 -17.27
CA GLY B 260 37.84 -8.70 -16.28
C GLY B 260 39.16 -9.42 -16.54
N ASN B 261 39.59 -9.41 -17.79
CA ASN B 261 40.88 -9.99 -18.17
C ASN B 261 41.90 -8.94 -18.61
N ASN B 262 41.60 -7.68 -18.28
CA ASN B 262 42.50 -6.55 -18.54
C ASN B 262 42.85 -6.38 -20.03
N ILE B 263 41.86 -6.57 -20.90
CA ILE B 263 42.07 -6.35 -22.34
C ILE B 263 41.10 -5.33 -22.94
N GLY B 264 40.14 -4.85 -22.15
CA GLY B 264 39.19 -3.83 -22.61
C GLY B 264 39.60 -2.43 -22.16
N GLY B 265 39.45 -1.45 -23.06
CA GLY B 265 39.89 -0.08 -22.78
C GLY B 265 38.80 0.96 -22.60
N MET B 266 37.64 0.71 -23.20
CA MET B 266 36.56 1.70 -23.27
C MET B 266 35.24 1.03 -23.61
N THR B 267 34.15 1.57 -23.07
CA THR B 267 32.81 1.13 -23.44
C THR B 267 31.80 2.28 -23.42
N HIS B 268 30.57 1.98 -23.81
CA HIS B 268 29.46 2.90 -23.67
C HIS B 268 28.28 2.07 -23.15
N ASP B 269 27.97 2.28 -21.87
CA ASP B 269 27.09 1.38 -21.12
C ASP B 269 26.51 2.13 -19.92
N TRP B 270 25.58 1.49 -19.22
CA TRP B 270 24.86 2.10 -18.11
C TRP B 270 25.77 2.43 -16.94
N PHE B 271 25.56 3.60 -16.33
CA PHE B 271 26.47 4.13 -15.31
C PHE B 271 26.71 3.22 -14.10
N ALA B 272 25.63 2.75 -13.47
CA ALA B 272 25.73 2.01 -12.21
C ALA B 272 26.54 0.71 -12.33
N SER B 273 26.13 -0.17 -13.25
CA SER B 273 26.79 -1.48 -13.40
C SER B 273 28.20 -1.38 -13.96
N THR B 274 28.43 -0.45 -14.88
CA THR B 274 29.75 -0.29 -15.50
C THR B 274 30.79 0.21 -14.48
N ALA B 275 30.42 1.20 -13.67
CA ALA B 275 31.30 1.75 -12.63
C ALA B 275 31.55 0.74 -11.51
N LEU B 276 30.59 -0.16 -11.30
CA LEU B 276 30.69 -1.22 -10.29
C LEU B 276 31.90 -2.14 -10.52
N PHE B 277 32.31 -2.28 -11.78
CA PHE B 277 33.48 -3.09 -12.14
C PHE B 277 34.79 -2.64 -11.49
N ASN B 278 34.87 -1.37 -11.11
CA ASN B 278 36.00 -0.87 -10.33
C ASN B 278 36.15 -1.61 -9.00
N ASP B 279 35.02 -1.82 -8.33
CA ASP B 279 34.97 -2.52 -7.06
C ASP B 279 35.29 -4.01 -7.22
N ALA B 280 34.78 -4.60 -8.30
CA ALA B 280 34.93 -6.03 -8.55
C ALA B 280 36.32 -6.42 -9.01
N LEU B 281 37.00 -5.52 -9.74
CA LEU B 281 38.27 -5.85 -10.37
C LEU B 281 39.51 -5.25 -9.68
N SER B 282 39.30 -4.57 -8.55
CA SER B 282 40.37 -3.89 -7.82
C SER B 282 41.45 -4.84 -7.31
N LYS B 283 41.04 -6.04 -6.90
CA LYS B 283 41.97 -7.06 -6.42
C LYS B 283 42.65 -7.82 -7.56
N ASN B 284 41.88 -8.15 -8.59
CA ASN B 284 42.39 -8.92 -9.73
C ASN B 284 43.32 -8.12 -10.63
N ILE B 285 42.95 -6.86 -10.87
CA ILE B 285 43.76 -5.96 -11.70
C ILE B 285 44.10 -4.71 -10.88
N PRO B 286 45.25 -4.74 -10.18
CA PRO B 286 45.65 -3.58 -9.39
C PRO B 286 45.72 -2.32 -10.24
N GLY B 287 45.07 -1.26 -9.77
CA GLY B 287 45.07 0.02 -10.47
C GLY B 287 43.92 0.20 -11.45
N PHE B 288 43.17 -0.87 -11.71
CA PHE B 288 42.02 -0.82 -12.59
C PHE B 288 41.13 0.36 -12.24
N LYS B 289 40.93 1.24 -13.22
CA LYS B 289 40.12 2.43 -13.03
C LYS B 289 39.35 2.74 -14.31
N LEU B 290 38.08 2.36 -14.30
CA LEU B 290 37.17 2.61 -15.42
C LEU B 290 36.25 3.74 -15.02
N VAL B 291 36.44 4.90 -15.65
CA VAL B 291 35.80 6.13 -15.21
C VAL B 291 34.93 6.74 -16.31
N PRO B 292 33.84 7.43 -15.92
CA PRO B 292 33.02 8.12 -16.90
C PRO B 292 33.82 9.18 -17.64
N MET B 293 33.46 9.35 -18.91
CA MET B 293 34.14 10.23 -19.82
C MET B 293 33.04 11.02 -20.51
N ALA B 294 33.22 12.32 -20.66
CA ALA B 294 32.28 13.11 -21.46
C ALA B 294 32.34 12.60 -22.89
N PRO B 295 31.18 12.59 -23.59
CA PRO B 295 31.24 12.22 -25.01
C PRO B 295 32.27 13.09 -25.71
N PRO B 296 33.04 12.51 -26.65
CA PRO B 296 34.00 13.36 -27.34
C PRO B 296 33.29 14.37 -28.22
N ILE B 297 33.88 15.55 -28.37
CA ILE B 297 33.36 16.55 -29.29
C ILE B 297 33.38 15.95 -30.70
N ASN B 298 32.20 15.88 -31.31
CA ASN B 298 32.05 15.24 -32.62
C ASN B 298 32.22 16.19 -33.80
N SER B 299 32.03 15.68 -35.02
CA SER B 299 32.21 16.46 -36.24
C SER B 299 31.19 17.60 -36.38
N LYS B 300 30.12 17.56 -35.60
CA LYS B 300 29.16 18.66 -35.53
C LYS B 300 29.47 19.65 -34.40
N GLY B 301 30.61 19.46 -33.75
CA GLY B 301 31.09 20.35 -32.68
C GLY B 301 30.38 20.22 -31.34
N GLN B 302 29.69 19.09 -31.15
N GLN B 302 29.69 19.10 -31.14
CA GLN B 302 28.88 18.85 -29.96
CA GLN B 302 28.91 18.89 -29.92
C GLN B 302 29.34 17.60 -29.22
C GLN B 302 29.27 17.58 -29.24
N ARG B 303 28.98 17.51 -27.94
CA ARG B 303 29.18 16.30 -27.15
C ARG B 303 27.83 15.60 -26.99
N TRP B 304 27.65 14.49 -27.70
CA TRP B 304 26.34 13.82 -27.72
C TRP B 304 26.27 12.58 -26.83
N GLU B 305 25.29 12.57 -25.93
CA GLU B 305 24.82 11.32 -25.35
C GLU B 305 23.44 11.05 -25.94
N GLU B 306 23.37 10.06 -26.82
CA GLU B 306 22.16 9.78 -27.59
C GLU B 306 21.11 9.06 -26.77
N ASP B 307 21.55 8.26 -25.80
CA ASP B 307 20.66 7.37 -25.06
C ASP B 307 20.11 8.00 -23.78
N ALA B 308 18.86 7.64 -23.45
CA ALA B 308 18.23 7.98 -22.17
C ALA B 308 17.20 6.92 -21.87
N ARG B 309 16.68 6.90 -20.63
CA ARG B 309 15.65 5.94 -20.28
C ARG B 309 14.38 6.23 -21.05
N GLN B 310 13.69 5.17 -21.45
CA GLN B 310 12.47 5.28 -22.22
C GLN B 310 11.32 4.86 -21.33
N ILE B 311 10.40 5.78 -21.07
CA ILE B 311 9.29 5.55 -20.16
C ILE B 311 7.96 5.69 -20.92
N PRO B 312 7.27 4.56 -21.21
CA PRO B 312 7.64 3.17 -20.91
C PRO B 312 8.50 2.54 -22.00
N ARG B 313 9.06 1.37 -21.72
CA ARG B 313 9.77 0.60 -22.73
C ARG B 313 8.79 -0.26 -23.53
N PRO B 314 9.18 -0.68 -24.75
CA PRO B 314 8.30 -1.53 -25.56
C PRO B 314 8.34 -2.99 -25.08
N ASP B 315 8.36 -3.17 -23.75
CA ASP B 315 8.46 -4.47 -23.09
C ASP B 315 7.27 -4.65 -22.16
N GLY B 316 6.93 -5.89 -21.82
CA GLY B 316 5.88 -6.15 -20.85
C GLY B 316 5.19 -7.50 -21.03
N TRP B 317 3.95 -7.58 -20.57
CA TRP B 317 3.17 -8.80 -20.76
C TRP B 317 1.71 -8.56 -21.09
N ALA B 318 1.09 -9.60 -21.65
CA ALA B 318 -0.27 -9.54 -22.17
C ALA B 318 -1.07 -10.79 -21.78
N ILE B 319 -2.39 -10.68 -21.84
CA ILE B 319 -3.29 -11.80 -21.54
C ILE B 319 -3.82 -12.37 -22.85
N THR B 320 -3.69 -13.69 -23.02
CA THR B 320 -4.11 -14.35 -24.27
C THR B 320 -5.61 -14.57 -24.31
N ALA B 321 -6.13 -14.86 -25.50
CA ALA B 321 -7.55 -15.14 -25.71
C ALA B 321 -7.98 -16.48 -25.12
N THR B 322 -7.02 -17.36 -24.86
CA THR B 322 -7.30 -18.69 -24.28
C THR B 322 -7.19 -18.73 -22.75
N ASN B 323 -6.79 -17.62 -22.14
CA ASN B 323 -6.73 -17.51 -20.69
C ASN B 323 -8.15 -17.54 -20.10
N LYS B 324 -8.44 -18.60 -19.34
CA LYS B 324 -9.79 -18.82 -18.77
C LYS B 324 -10.03 -17.97 -17.51
N ASN B 325 -9.00 -17.27 -17.05
CA ASN B 325 -9.09 -16.45 -15.85
C ASN B 325 -8.58 -15.02 -16.03
N PRO B 326 -9.18 -14.25 -16.97
CA PRO B 326 -8.72 -12.87 -17.24
C PRO B 326 -8.82 -11.92 -16.05
N VAL B 327 -9.86 -12.10 -15.21
CA VAL B 327 -10.08 -11.22 -14.06
C VAL B 327 -9.01 -11.43 -13.00
N GLU B 328 -8.74 -12.70 -12.68
CA GLU B 328 -7.70 -13.04 -11.71
C GLU B 328 -6.32 -12.64 -12.22
N THR B 329 -6.11 -12.75 -13.52
CA THR B 329 -4.85 -12.39 -14.16
C THR B 329 -4.59 -10.88 -14.09
N ILE B 330 -5.61 -10.08 -14.38
CA ILE B 330 -5.47 -8.62 -14.32
C ILE B 330 -5.25 -8.13 -12.88
N LYS B 331 -5.83 -8.85 -11.92
CA LYS B 331 -5.63 -8.55 -10.50
C LYS B 331 -4.20 -8.84 -10.07
N LEU B 332 -3.64 -9.95 -10.57
CA LEU B 332 -2.22 -10.29 -10.37
C LEU B 332 -1.33 -9.21 -10.99
N PHE B 333 -1.66 -8.81 -12.22
CA PHE B 333 -0.98 -7.72 -12.91
C PHE B 333 -1.02 -6.44 -12.07
N ASP B 334 -2.17 -6.16 -11.46
CA ASP B 334 -2.37 -4.97 -10.65
C ASP B 334 -1.56 -4.99 -9.36
N PHE B 335 -1.40 -6.19 -8.78
CA PHE B 335 -0.59 -6.38 -7.59
C PHE B 335 0.80 -5.77 -7.75
N TYR B 336 1.36 -5.91 -8.95
CA TYR B 336 2.71 -5.42 -9.26
C TYR B 336 2.85 -3.90 -9.20
N PHE B 337 1.76 -3.18 -9.45
CA PHE B 337 1.77 -1.72 -9.36
C PHE B 337 1.34 -1.22 -7.96
N GLY B 338 1.05 -2.15 -7.06
CA GLY B 338 0.79 -1.84 -5.65
C GLY B 338 2.08 -1.78 -4.86
N PRO B 339 2.01 -1.38 -3.58
CA PRO B 339 3.21 -1.19 -2.74
C PRO B 339 4.05 -2.46 -2.55
N LYS B 340 3.40 -3.57 -2.23
CA LYS B 340 4.11 -4.82 -2.00
C LYS B 340 4.68 -5.41 -3.28
N GLY B 341 3.87 -5.41 -4.34
CA GLY B 341 4.29 -5.93 -5.65
C GLY B 341 5.45 -5.17 -6.27
N ARG B 342 5.46 -3.85 -6.09
CA ARG B 342 6.53 -3.01 -6.61
C ARG B 342 7.84 -3.26 -5.87
N GLU B 343 7.74 -3.50 -4.57
CA GLU B 343 8.88 -3.82 -3.72
C GLU B 343 9.56 -5.12 -4.16
N LEU B 344 8.75 -6.17 -4.37
CA LEU B 344 9.27 -7.47 -4.77
C LEU B 344 9.89 -7.47 -6.16
N SER B 345 9.15 -6.92 -7.13
CA SER B 345 9.59 -6.89 -8.52
C SER B 345 10.85 -6.05 -8.74
N ASN B 346 11.15 -5.18 -7.76
CA ASN B 346 12.34 -4.35 -7.79
C ASN B 346 13.49 -4.89 -6.95
N PHE B 347 13.20 -5.18 -5.69
CA PHE B 347 14.20 -5.47 -4.71
C PHE B 347 14.45 -6.97 -4.44
N GLY B 348 13.55 -7.81 -4.86
CA GLY B 348 13.64 -9.23 -4.66
C GLY B 348 12.72 -9.77 -3.58
N VAL B 349 13.33 -10.32 -2.55
CA VAL B 349 12.60 -10.95 -1.48
C VAL B 349 13.08 -10.55 -0.05
N PRO B 350 12.16 -10.17 0.82
CA PRO B 350 12.52 -9.81 2.19
C PRO B 350 13.14 -10.92 2.95
N GLY B 351 14.22 -10.61 3.65
CA GLY B 351 14.98 -11.62 4.39
C GLY B 351 16.01 -12.37 3.55
N LEU B 352 15.92 -12.23 2.23
CA LEU B 352 16.85 -12.89 1.32
C LEU B 352 17.82 -11.89 0.69
N THR B 353 17.28 -10.86 0.07
CA THR B 353 18.11 -9.88 -0.63
C THR B 353 17.98 -8.46 -0.05
N TYR B 354 16.86 -8.19 0.64
CA TYR B 354 16.65 -6.88 1.26
C TYR B 354 15.87 -6.99 2.57
N ASP B 355 15.86 -5.90 3.34
CA ASP B 355 15.07 -5.80 4.56
C ASP B 355 14.39 -4.44 4.62
N ILE B 356 13.32 -4.35 5.40
CA ILE B 356 12.71 -3.07 5.70
C ILE B 356 13.45 -2.43 6.87
N LYS B 357 14.17 -1.35 6.58
CA LYS B 357 14.87 -0.57 7.58
C LYS B 357 14.42 0.88 7.47
N ASN B 358 14.10 1.47 8.62
CA ASN B 358 13.58 2.85 8.67
C ASN B 358 12.39 3.06 7.73
N GLY B 359 11.56 2.03 7.60
CA GLY B 359 10.34 2.07 6.79
C GLY B 359 10.54 1.98 5.28
N LYS B 360 11.75 1.69 4.85
CA LYS B 360 12.05 1.55 3.42
C LYS B 360 12.83 0.28 3.08
N PRO B 361 12.65 -0.25 1.85
CA PRO B 361 13.44 -1.39 1.40
C PRO B 361 14.92 -1.03 1.26
N VAL B 362 15.77 -1.82 1.92
CA VAL B 362 17.22 -1.60 1.91
C VAL B 362 17.89 -2.93 1.62
N TYR B 363 18.72 -2.95 0.57
CA TYR B 363 19.47 -4.15 0.20
C TYR B 363 20.43 -4.58 1.31
N LYS B 364 20.56 -5.89 1.47
CA LYS B 364 21.53 -6.48 2.40
C LYS B 364 22.95 -6.24 1.93
N ASP B 365 23.89 -6.25 2.87
CA ASP B 365 25.32 -6.11 2.57
C ASP B 365 25.84 -7.24 1.68
N THR B 366 25.25 -8.43 1.82
CA THR B 366 25.56 -9.57 0.97
C THR B 366 25.36 -9.24 -0.51
N VAL B 367 24.33 -8.45 -0.81
CA VAL B 367 24.02 -8.02 -2.16
C VAL B 367 24.89 -6.82 -2.59
N LEU B 368 25.00 -5.82 -1.72
CA LEU B 368 25.68 -4.58 -2.06
C LEU B 368 27.20 -4.72 -2.19
N LYS B 369 27.78 -5.66 -1.45
CA LYS B 369 29.23 -5.88 -1.47
C LYS B 369 29.62 -7.11 -2.30
N ALA B 370 28.65 -7.68 -3.01
CA ALA B 370 28.87 -8.87 -3.83
C ALA B 370 29.79 -8.60 -5.02
N ALA B 371 30.03 -7.31 -5.30
CA ALA B 371 30.87 -6.89 -6.43
C ALA B 371 30.36 -7.44 -7.77
N GLN B 372 29.05 -7.66 -7.83
CA GLN B 372 28.37 -8.06 -9.05
C GLN B 372 27.18 -7.11 -9.25
N PRO B 373 26.95 -6.64 -10.49
CA PRO B 373 25.83 -5.74 -10.74
C PRO B 373 24.55 -6.25 -10.10
N VAL B 374 23.85 -5.37 -9.37
CA VAL B 374 22.68 -5.78 -8.61
C VAL B 374 21.49 -6.11 -9.51
N ASN B 375 21.43 -5.47 -10.68
CA ASN B 375 20.41 -5.85 -11.66
C ASN B 375 20.61 -7.29 -12.15
N ASN B 376 21.87 -7.68 -12.39
CA ASN B 376 22.21 -9.09 -12.68
C ASN B 376 21.76 -10.04 -11.55
N GLN B 377 21.98 -9.62 -10.30
CA GLN B 377 21.57 -10.40 -9.13
C GLN B 377 20.06 -10.53 -9.04
N MET B 378 19.35 -9.47 -9.43
CA MET B 378 17.89 -9.46 -9.46
C MET B 378 17.33 -10.40 -10.53
N TYR B 379 17.95 -10.43 -11.72
CA TYR B 379 17.52 -11.33 -12.80
C TYR B 379 17.55 -12.79 -12.34
N ASP B 380 18.57 -13.13 -11.57
CA ASP B 380 18.79 -14.50 -11.07
C ASP B 380 17.67 -15.01 -10.17
N ILE B 381 16.93 -14.10 -9.55
CA ILE B 381 15.86 -14.46 -8.60
C ILE B 381 14.45 -14.01 -9.05
N GLY B 382 14.38 -13.42 -10.24
CA GLY B 382 13.10 -13.04 -10.84
C GLY B 382 12.67 -11.60 -10.64
N ALA B 383 13.62 -10.74 -10.29
CA ALA B 383 13.37 -9.31 -10.14
C ALA B 383 14.03 -8.53 -11.27
N GLN B 384 13.57 -7.29 -11.48
CA GLN B 384 14.03 -6.44 -12.59
C GLN B 384 13.87 -7.11 -13.96
N ILE B 385 12.78 -7.87 -14.10
CA ILE B 385 12.50 -8.57 -15.36
C ILE B 385 11.42 -7.83 -16.15
N PRO B 386 11.51 -7.86 -17.50
CA PRO B 386 10.61 -7.08 -18.37
C PRO B 386 9.17 -7.56 -18.43
N ILE B 387 8.58 -7.80 -17.26
CA ILE B 387 7.13 -7.98 -17.12
C ILE B 387 6.50 -6.59 -17.04
N GLY B 388 5.18 -6.55 -16.84
CA GLY B 388 4.49 -5.31 -16.54
C GLY B 388 4.80 -4.94 -15.10
N PHE B 389 5.75 -4.03 -14.90
CA PHE B 389 6.10 -3.56 -13.57
C PHE B 389 6.64 -2.14 -13.58
N TRP B 390 6.63 -1.52 -12.40
CA TRP B 390 7.03 -0.13 -12.26
C TRP B 390 8.34 -0.05 -11.50
N GLN B 391 9.42 0.14 -12.25
CA GLN B 391 10.75 0.24 -11.67
C GLN B 391 10.83 1.40 -10.69
N ASP B 392 11.58 1.18 -9.62
CA ASP B 392 11.79 2.17 -8.58
C ASP B 392 13.28 2.48 -8.54
N TYR B 393 13.65 3.71 -8.88
CA TYR B 393 15.06 4.12 -8.94
C TYR B 393 15.81 3.95 -7.62
N GLU B 394 15.07 3.97 -6.50
CA GLU B 394 15.66 3.75 -5.17
CA GLU B 394 15.65 3.74 -5.17
C GLU B 394 16.42 2.43 -5.11
N TYR B 395 15.96 1.43 -5.87
CA TYR B 395 16.66 0.16 -5.97
C TYR B 395 18.06 0.38 -6.57
N GLU B 396 18.13 1.27 -7.56
CA GLU B 396 19.36 1.52 -8.30
C GLU B 396 20.30 2.45 -7.54
N ARG B 397 19.72 3.48 -6.91
CA ARG B 397 20.51 4.44 -6.14
C ARG B 397 21.39 3.75 -5.10
N GLN B 398 20.88 2.66 -4.53
CA GLN B 398 21.57 1.94 -3.47
C GLN B 398 22.87 1.25 -3.90
N TRP B 399 23.01 0.96 -5.19
CA TRP B 399 24.25 0.37 -5.69
C TRP B 399 24.93 1.20 -6.78
N THR B 400 24.60 2.49 -6.82
CA THR B 400 25.25 3.44 -7.70
C THR B 400 26.39 4.09 -6.91
N ASN B 401 27.62 3.68 -7.20
CA ASN B 401 28.78 4.17 -6.46
C ASN B 401 29.21 5.60 -6.86
N ASP B 402 30.20 6.13 -6.16
CA ASP B 402 30.66 7.50 -6.38
C ASP B 402 31.16 7.78 -7.80
N VAL B 403 31.82 6.79 -8.40
CA VAL B 403 32.29 6.90 -9.77
C VAL B 403 31.10 7.07 -10.72
N ALA B 404 30.09 6.22 -10.56
CA ALA B 404 28.85 6.32 -11.33
C ALA B 404 28.13 7.65 -11.11
N LEU B 405 28.01 8.07 -9.85
CA LEU B 405 27.37 9.34 -9.50
C LEU B 405 28.04 10.53 -10.17
N GLN B 406 29.37 10.52 -10.17
CA GLN B 406 30.17 11.57 -10.83
C GLN B 406 29.83 11.69 -12.31
N GLY B 407 29.70 10.55 -12.98
CA GLY B 407 29.35 10.50 -14.40
C GLY B 407 27.93 10.97 -14.67
N ILE B 408 26.99 10.44 -13.89
CA ILE B 408 25.58 10.84 -13.96
C ILE B 408 25.44 12.35 -13.81
N ASP B 409 26.07 12.90 -12.77
CA ASP B 409 26.02 14.33 -12.46
C ASP B 409 26.64 15.17 -13.58
N MET B 410 27.76 14.71 -14.13
CA MET B 410 28.42 15.38 -15.24
C MET B 410 27.50 15.49 -16.46
N TYR B 411 26.87 14.37 -16.80
CA TYR B 411 26.00 14.30 -17.97
C TYR B 411 24.73 15.14 -17.82
N ILE B 412 24.20 15.20 -16.60
CA ILE B 412 23.03 16.03 -16.31
C ILE B 412 23.37 17.53 -16.36
N LYS B 413 24.37 17.94 -15.58
CA LYS B 413 24.72 19.36 -15.50
C LYS B 413 25.19 19.97 -16.83
N ASN B 414 25.87 19.17 -17.63
CA ASN B 414 26.40 19.64 -18.92
C ASN B 414 25.48 19.40 -20.11
N LYS B 415 24.30 18.82 -19.84
CA LYS B 415 23.22 18.66 -20.80
C LYS B 415 23.61 17.87 -22.06
N TYR B 416 24.36 16.78 -21.87
CA TYR B 416 24.81 15.95 -22.99
C TYR B 416 23.68 15.12 -23.62
N VAL B 417 22.68 14.78 -22.81
CA VAL B 417 21.62 13.87 -23.26
C VAL B 417 20.70 14.53 -24.30
N LEU B 418 20.66 13.92 -25.48
CA LEU B 418 19.85 14.44 -26.59
C LEU B 418 18.35 14.28 -26.30
N PRO B 419 17.53 15.22 -26.82
CA PRO B 419 16.07 15.05 -26.71
C PRO B 419 15.63 13.72 -27.33
N GLN B 420 14.74 13.01 -26.64
CA GLN B 420 14.34 11.67 -27.08
C GLN B 420 13.06 11.67 -27.93
N PHE B 421 12.99 10.75 -28.88
CA PHE B 421 11.80 10.55 -29.69
C PHE B 421 10.76 9.77 -28.87
N THR B 422 9.60 10.39 -28.68
CA THR B 422 8.55 9.80 -27.84
C THR B 422 7.50 9.02 -28.66
N GLY B 423 7.74 8.90 -29.97
CA GLY B 423 6.86 8.15 -30.86
C GLY B 423 5.74 8.94 -31.50
N VAL B 424 5.00 8.29 -32.39
CA VAL B 424 3.80 8.86 -32.99
C VAL B 424 2.62 7.91 -32.85
N ASN B 425 1.42 8.47 -32.81
CA ASN B 425 0.18 7.69 -32.71
C ASN B 425 -0.38 7.43 -34.10
N LEU B 426 -0.11 6.23 -34.62
CA LEU B 426 -0.57 5.84 -35.94
C LEU B 426 -2.04 5.46 -35.90
N THR B 427 -2.75 5.73 -36.99
CA THR B 427 -4.11 5.24 -37.16
C THR B 427 -4.04 3.75 -37.50
N VAL B 428 -5.18 3.07 -37.45
CA VAL B 428 -5.23 1.65 -37.81
C VAL B 428 -4.66 1.43 -39.21
N GLU B 429 -5.08 2.25 -40.17
CA GLU B 429 -4.63 2.12 -41.56
CA GLU B 429 -4.63 2.08 -41.55
C GLU B 429 -3.13 2.34 -41.70
N GLU B 430 -2.61 3.31 -40.94
CA GLU B 430 -1.19 3.63 -40.95
C GLU B 430 -0.35 2.52 -40.32
N ARG B 431 -0.86 1.94 -39.22
CA ARG B 431 -0.17 0.85 -38.55
CA ARG B 431 -0.20 0.83 -38.53
C ARG B 431 -0.15 -0.41 -39.42
N GLU B 432 -1.19 -0.58 -40.25
CA GLU B 432 -1.23 -1.68 -41.20
C GLU B 432 -0.04 -1.59 -42.16
N ILE B 433 0.26 -0.37 -42.64
CA ILE B 433 1.42 -0.10 -43.48
C ILE B 433 2.72 -0.37 -42.71
N TYR B 434 2.77 0.13 -41.47
CA TYR B 434 3.90 -0.05 -40.56
C TYR B 434 4.20 -1.54 -40.33
N ASP B 435 3.19 -2.29 -39.91
CA ASP B 435 3.34 -3.74 -39.66
C ASP B 435 3.73 -4.53 -40.90
N LYS B 436 3.20 -4.12 -42.05
CA LYS B 436 3.46 -4.75 -43.35
C LYS B 436 4.95 -4.67 -43.74
N TYR B 437 5.51 -3.46 -43.71
CA TYR B 437 6.83 -3.20 -44.30
C TYR B 437 7.99 -3.05 -43.31
N TRP B 438 7.73 -2.47 -42.14
CA TRP B 438 8.82 -2.08 -41.23
C TRP B 438 9.72 -3.21 -40.69
N PRO B 439 9.14 -4.33 -40.22
CA PRO B 439 9.99 -5.40 -39.68
C PRO B 439 11.06 -5.91 -40.67
N ASP B 440 10.69 -6.10 -41.93
CA ASP B 440 11.63 -6.53 -42.96
C ASP B 440 12.64 -5.45 -43.34
N VAL B 441 12.18 -4.19 -43.32
CA VAL B 441 13.06 -3.05 -43.59
C VAL B 441 14.12 -2.93 -42.50
N LYS B 442 13.69 -2.99 -41.24
CA LYS B 442 14.58 -2.89 -40.08
C LYS B 442 15.64 -3.99 -40.10
N THR B 443 15.20 -5.21 -40.41
CA THR B 443 16.10 -6.35 -40.49
C THR B 443 17.14 -6.14 -41.59
N TYR B 444 16.68 -5.70 -42.76
CA TYR B 444 17.57 -5.36 -43.87
C TYR B 444 18.56 -4.26 -43.49
N MET B 445 18.08 -3.23 -42.80
CA MET B 445 18.94 -2.14 -42.33
C MET B 445 20.04 -2.64 -41.41
N PHE B 446 19.69 -3.51 -40.46
CA PHE B 446 20.65 -4.07 -39.51
C PHE B 446 21.71 -4.89 -40.22
N GLU B 447 21.29 -5.78 -41.12
CA GLU B 447 22.22 -6.65 -41.84
C GLU B 447 23.16 -5.87 -42.76
N MET B 448 22.63 -4.83 -43.41
CA MET B 448 23.47 -3.92 -44.18
C MET B 448 24.44 -3.18 -43.27
N GLY B 449 23.94 -2.71 -42.14
CA GLY B 449 24.76 -2.08 -41.11
C GLY B 449 25.92 -2.96 -40.69
N GLN B 450 25.61 -4.22 -40.35
CA GLN B 450 26.65 -5.19 -39.99
C GLN B 450 27.63 -5.43 -41.14
N SER B 451 27.13 -5.52 -42.36
CA SER B 451 27.98 -5.69 -43.54
C SER B 451 28.97 -4.54 -43.70
N TRP B 452 28.49 -3.32 -43.48
CA TRP B 452 29.32 -2.12 -43.59
C TRP B 452 30.41 -2.10 -42.51
N VAL B 453 30.00 -2.31 -41.26
CA VAL B 453 30.93 -2.30 -40.12
C VAL B 453 32.04 -3.32 -40.32
N MET B 454 31.67 -4.54 -40.70
CA MET B 454 32.63 -5.64 -40.83
C MET B 454 33.45 -5.60 -42.12
N GLY B 455 33.07 -4.71 -43.03
CA GLY B 455 33.85 -4.46 -44.25
C GLY B 455 33.62 -5.45 -45.38
N THR B 456 32.48 -6.15 -45.34
CA THR B 456 32.12 -7.06 -46.44
C THR B 456 31.43 -6.30 -47.56
N LYS B 457 30.86 -5.15 -47.22
CA LYS B 457 30.27 -4.24 -48.21
C LYS B 457 30.75 -2.81 -47.96
N ASP B 458 31.02 -2.09 -49.05
CA ASP B 458 31.48 -0.71 -48.98
C ASP B 458 30.26 0.22 -49.07
N PRO B 459 30.00 1.00 -48.00
CA PRO B 459 28.84 1.88 -47.93
C PRO B 459 28.83 2.95 -49.02
N GLU B 460 30.01 3.42 -49.42
CA GLU B 460 30.11 4.39 -50.51
C GLU B 460 29.67 3.75 -51.83
N LYS B 461 30.08 2.51 -52.05
CA LYS B 461 29.76 1.78 -53.28
C LYS B 461 28.30 1.28 -53.35
N THR B 462 27.70 1.02 -52.19
CA THR B 462 26.40 0.36 -52.13
C THR B 462 25.21 1.25 -51.73
N TRP B 463 25.50 2.51 -51.40
CA TRP B 463 24.48 3.41 -50.85
C TRP B 463 23.25 3.61 -51.74
N ASN B 464 23.47 3.95 -53.01
CA ASN B 464 22.37 4.24 -53.92
C ASN B 464 21.47 3.04 -54.17
N ASP B 465 22.08 1.87 -54.29
CA ASP B 465 21.34 0.62 -54.41
C ASP B 465 20.67 0.22 -53.10
N TYR B 466 21.30 0.58 -51.98
CA TYR B 466 20.71 0.39 -50.65
C TYR B 466 19.41 1.20 -50.50
N GLN B 467 19.45 2.45 -50.94
CA GLN B 467 18.27 3.34 -50.94
C GLN B 467 17.15 2.80 -51.83
N GLN B 468 17.53 2.22 -52.96
CA GLN B 468 16.58 1.59 -53.88
C GLN B 468 15.94 0.36 -53.24
N GLN B 469 16.76 -0.45 -52.56
CA GLN B 469 16.29 -1.63 -51.84
C GLN B 469 15.32 -1.26 -50.72
N LEU B 470 15.60 -0.14 -50.05
CA LEU B 470 14.69 0.39 -49.02
C LEU B 470 13.35 0.76 -49.65
N LYS B 471 13.37 1.45 -50.78
CA LYS B 471 12.15 1.80 -51.51
C LYS B 471 11.37 0.54 -51.90
N ASN B 472 12.07 -0.45 -52.42
CA ASN B 472 11.47 -1.73 -52.80
C ASN B 472 10.79 -2.47 -51.64
N ARG B 473 11.35 -2.31 -50.44
CA ARG B 473 10.81 -2.99 -49.24
C ARG B 473 9.73 -2.18 -48.54
N GLY B 474 9.36 -1.04 -49.13
CA GLY B 474 8.28 -0.20 -48.62
C GLY B 474 8.67 0.82 -47.56
N PHE B 475 9.96 1.13 -47.47
CA PHE B 475 10.46 2.06 -46.46
C PHE B 475 9.86 3.46 -46.57
N TYR B 476 9.71 3.96 -47.80
CA TYR B 476 9.18 5.30 -47.99
C TYR B 476 7.69 5.38 -47.69
N GLN B 477 6.98 4.26 -47.83
CA GLN B 477 5.59 4.17 -47.40
C GLN B 477 5.49 4.24 -45.89
N VAL B 478 6.46 3.64 -45.20
CA VAL B 478 6.56 3.71 -43.74
C VAL B 478 6.84 5.17 -43.31
N MET B 479 7.83 5.79 -43.96
CA MET B 479 8.19 7.18 -43.67
C MET B 479 7.00 8.13 -43.84
N ILE B 480 6.22 7.91 -44.90
CA ILE B 480 5.04 8.73 -45.18
C ILE B 480 4.03 8.70 -44.03
N VAL B 481 3.70 7.50 -43.56
CA VAL B 481 2.72 7.36 -42.46
C VAL B 481 3.26 7.91 -41.12
N MET B 482 4.56 7.76 -40.90
CA MET B 482 5.23 8.31 -39.70
C MET B 482 5.17 9.83 -39.70
N GLN B 483 5.44 10.44 -40.85
CA GLN B 483 5.36 11.89 -41.01
C GLN B 483 3.92 12.39 -40.90
N LYS B 484 3.00 11.64 -41.50
CA LYS B 484 1.56 11.96 -41.44
C LYS B 484 1.06 11.96 -39.99
N ALA B 485 1.43 10.92 -39.24
CA ALA B 485 1.04 10.81 -37.84
C ALA B 485 1.69 11.90 -37.00
N TYR B 486 2.93 12.24 -37.33
CA TYR B 486 3.63 13.32 -36.63
C TYR B 486 2.96 14.67 -36.84
N ASP B 487 2.67 15.01 -38.10
CA ASP B 487 2.04 16.28 -38.45
C ASP B 487 0.66 16.45 -37.81
N ARG B 488 -0.07 15.34 -37.72
CA ARG B 488 -1.39 15.30 -37.11
C ARG B 488 -1.33 15.54 -35.60
N GLN B 489 -0.31 14.96 -34.97
CA GLN B 489 -0.11 15.09 -33.52
C GLN B 489 0.65 16.37 -33.16
N TYR B 490 1.39 16.91 -34.13
CA TYR B 490 2.17 18.14 -33.96
C TYR B 490 2.04 19.03 -35.20
C1 LGU C . -15.67 -1.92 27.78
C2 LGU C . -14.37 -1.42 28.45
O2 LGU C . -13.25 -2.20 28.02
C3 LGU C . -14.11 0.06 28.13
O3 LGU C . -13.77 0.22 26.73
C4 LGU C . -15.36 0.90 28.47
O4 LGU C . -15.59 0.86 29.89
C5 LGU C . -16.59 0.36 27.75
O5 LGU C . -16.79 -1.04 28.12
C6 LGU C . -17.82 1.18 28.14
O6B LGU C . -18.52 0.77 29.09
O6A LGU C . -18.02 2.23 27.49
O1 LGU C . -15.50 -2.00 26.34
C1 BEM C . -15.31 1.97 30.73
C2 BEM C . -16.21 1.99 31.96
O2 BEM C . -16.33 0.67 32.52
C3 BEM C . -15.62 2.94 33.00
O3 BEM C . -16.45 2.98 34.17
C4 BEM C . -14.19 2.49 33.35
O4 BEM C . -13.62 3.39 34.29
C5 BEM C . -13.36 2.48 32.06
O5 BEM C . -13.96 1.57 31.11
C6 BEM C . -11.90 2.10 32.33
O6B BEM C . -11.25 2.85 33.11
O6A BEM C . -11.46 1.10 31.75
C1 LGU D . 19.27 -5.23 -19.74
C2 LGU D . 20.58 -4.63 -19.15
O2 LGU D . 21.71 -5.30 -19.71
C3 LGU D . 20.68 -3.12 -19.43
O3 LGU D . 21.01 -2.87 -20.81
C4 LGU D . 19.37 -2.39 -19.04
O4 LGU D . 19.17 -2.45 -17.61
C5 LGU D . 18.18 -3.04 -19.74
O5 LGU D . 18.10 -4.45 -19.33
C6 LGU D . 16.90 -2.32 -19.34
O6B LGU D . 16.28 -2.76 -18.34
O6A LGU D . 16.59 -1.30 -20.01
O1 LGU D . 19.38 -5.31 -21.18
C1 BEM D . 19.36 -1.31 -16.76
C2 BEM D . 18.50 -1.28 -15.51
O2 BEM D . 18.52 -2.57 -14.87
C3 BEM D . 19.06 -0.24 -14.55
O3 BEM D . 18.26 -0.19 -13.36
C4 BEM D . 20.50 -0.61 -14.22
O4 BEM D . 21.04 0.36 -13.32
C5 BEM D . 21.32 -0.62 -15.52
O5 BEM D . 20.74 -1.59 -16.43
C6 BEM D . 22.79 -0.95 -15.25
O6B BEM D . 23.26 -1.96 -15.82
O6A BEM D . 23.41 -0.16 -14.51
CA CA E . 14.43 -4.31 24.43
C1 GOL F . -21.56 4.21 13.79
O1 GOL F . -21.02 4.13 12.49
C2 GOL F . -23.04 4.50 13.71
O2 GOL F . -23.66 3.52 12.92
C3 GOL F . -23.26 5.88 13.09
O3 GOL F . -24.63 6.19 13.09
C1 GOL G . -23.63 2.25 57.00
O1 GOL G . -24.15 3.56 57.02
C2 GOL G . -23.27 1.78 58.40
O2 GOL G . -24.42 1.83 59.23
C3 GOL G . -22.18 2.68 58.99
O3 GOL G . -20.91 2.25 58.51
C1 GOL H . -11.82 20.84 15.77
O1 GOL H . -11.04 21.94 15.34
C2 GOL H . -12.70 20.36 14.63
O2 GOL H . -14.04 20.56 14.98
C3 GOL H . -12.45 18.87 14.38
O3 GOL H . -13.42 18.34 13.51
C1 GOL I . -18.02 -0.21 23.25
O1 GOL I . -18.08 -0.40 21.86
C2 GOL I . -19.16 -0.95 23.92
O2 GOL I . -18.84 -2.32 24.04
C3 GOL I . -19.43 -0.38 25.30
O3 GOL I . -20.52 -1.06 25.89
C1 GOL J . -15.47 13.87 36.81
O1 GOL J . -14.19 14.39 36.99
C2 GOL J . -15.70 13.61 35.34
O2 GOL J . -17.09 13.58 35.08
C3 GOL J . -15.10 12.26 34.95
O3 GOL J . -15.05 12.13 33.55
C1 GOL K . -29.70 -1.54 11.35
O1 GOL K . -29.17 -0.31 10.89
C2 GOL K . -29.64 -2.55 10.22
O2 GOL K . -30.74 -2.38 9.36
C3 GOL K . -29.66 -3.96 10.80
O3 GOL K . -28.49 -4.64 10.41
C1 GOL L . -11.77 -10.55 30.27
O1 GOL L . -11.19 -9.39 30.85
C2 GOL L . -10.94 -11.02 29.09
O2 GOL L . -11.59 -10.71 27.88
C3 GOL L . -10.72 -12.52 29.18
O3 GOL L . -9.38 -12.81 28.84
CA CA M . 49.00 -6.59 -24.04
C1 GOL N . 10.54 1.68 -34.51
O1 GOL N . 9.25 1.97 -34.01
C2 GOL N . 11.18 0.56 -33.70
O2 GOL N . 12.58 0.58 -33.94
C3 GOL N . 10.62 -0.78 -34.12
O3 GOL N . 9.82 -1.31 -33.09
C1 GOL O . 19.42 8.82 -12.91
O1 GOL O . 18.72 8.21 -13.98
C2 GOL O . 19.08 10.29 -12.82
O2 GOL O . 19.18 10.88 -14.10
C3 GOL O . 17.68 10.45 -12.26
O3 GOL O . 17.72 10.21 -10.88
C1 GOL P . 5.28 2.42 -33.30
O1 GOL P . 5.18 1.46 -32.27
C2 GOL P . 4.59 3.71 -32.87
O2 GOL P . 3.80 4.20 -33.92
C3 GOL P . 5.61 4.75 -32.43
O3 GOL P . 6.32 5.25 -33.55
C1 GOL Q . 23.18 -8.96 -24.62
O1 GOL Q . 23.56 -8.32 -25.82
C2 GOL Q . 22.68 -7.92 -23.63
O2 GOL Q . 23.47 -7.95 -22.46
C3 GOL Q . 21.21 -8.19 -23.30
O3 GOL Q . 20.98 -8.11 -21.91
C1 GOL R . 8.81 15.41 -30.73
O1 GOL R . 9.62 16.03 -29.76
C2 GOL R . 8.41 14.03 -30.22
O2 GOL R . 9.57 13.26 -29.93
C3 GOL R . 7.58 13.31 -31.29
O3 GOL R . 6.74 12.37 -30.67
C1 GOL S . 20.91 -8.96 -30.75
O1 GOL S . 21.61 -7.86 -30.24
C2 GOL S . 21.64 -9.51 -31.97
O2 GOL S . 21.74 -8.53 -32.96
C3 GOL S . 20.92 -10.75 -32.50
O3 GOL S . 19.91 -10.37 -33.41
C1 GOL T . 3.73 -21.90 -2.73
O1 GOL T . 2.91 -21.97 -3.88
C2 GOL T . 4.37 -20.52 -2.61
O2 GOL T . 4.79 -20.06 -3.88
C3 GOL T . 5.59 -20.62 -1.71
O3 GOL T . 5.50 -19.63 -0.71
C1 GOL U . 17.17 11.31 -47.93
O1 GOL U . 16.64 10.00 -47.89
C2 GOL U . 18.65 11.29 -47.55
O2 GOL U . 19.07 9.99 -47.23
C3 GOL U . 18.87 12.22 -46.36
O3 GOL U . 20.18 12.06 -45.86
C1 GOL V . 37.41 6.51 -42.73
O1 GOL V . 38.82 6.62 -42.74
C2 GOL V . 36.84 6.77 -44.12
O2 GOL V . 37.56 6.03 -45.08
C3 GOL V . 36.90 8.26 -44.45
O3 GOL V . 35.67 8.66 -44.98
C1 GOL W . 15.32 -3.99 -22.10
O1 GOL W . 14.30 -4.73 -21.46
C2 GOL W . 15.57 -4.58 -23.48
O2 GOL W . 16.08 -5.88 -23.31
C3 GOL W . 16.59 -3.73 -24.23
O3 GOL W . 16.50 -3.97 -25.63
C1 GOL X . 25.85 -9.12 -42.22
O1 GOL X . 24.67 -9.82 -42.56
C2 GOL X . 27.05 -10.05 -42.27
O2 GOL X . 27.40 -10.44 -40.95
C3 GOL X . 28.24 -9.33 -42.91
O3 GOL X . 29.37 -10.17 -42.92
#